data_7W63
#
_entry.id   7W63
#
_cell.length_a   170.830
_cell.length_b   170.830
_cell.length_c   262.860
_cell.angle_alpha   90.000
_cell.angle_beta   90.000
_cell.angle_gamma   90.000
#
_symmetry.space_group_name_H-M   'I 4 2 2'
#
loop_
_entity.id
_entity.type
_entity.pdbx_description
1 polymer 'Toxin-coregulated pilus biosynthesis protein B'
2 non-polymer 'SULFATE ION'
3 water water
#
_entity_poly.entity_id   1
_entity_poly.type   'polypeptide(L)'
_entity_poly.pdbx_seq_one_letter_code
;GGELMIKSSNAFDVIELSSQIQRYASLSKINNRTNPILKDNKAKEFKDADLKWLKLENCPTAGDVPTTGNNNDLQDQFIA
CDADYRKGDLSYFGSQFEFSTYVHPSNPEIQRQIKQVVSYFQYRGMERAFIGDAAGYVISEAKKKGFSAQDYRIVLIEPD
RVGYFESNAISYEEFIENPSARENFLLKATKDRTLALAVSLAQTGEIAMQRDGSVAFLEDSELCWDTAAGSAKSCLSVRY
DTVGNKTELDLKQIDVVSAKGLSFESDGKTKTPVVSTYETFQDGGRAKTINAIECPTGLNNRFAAVVSSFSTAGQNANFS
SESAKDSQGTTQKDGSKGPHALLSGISLNWTLTNKVWDVTASIGIESGILPTSGIDSGSLLRNPKSLSFIAFQWCEN
;
_entity_poly.pdbx_strand_id   A,B,C
#
# COMPACT_ATOMS: atom_id res chain seq x y z
N SER A 8 -6.54 -39.12 -7.31
CA SER A 8 -6.74 -38.21 -6.18
C SER A 8 -6.57 -36.74 -6.64
N SER A 9 -5.34 -36.24 -6.50
CA SER A 9 -4.97 -34.92 -6.97
C SER A 9 -4.10 -35.02 -8.23
N ASN A 10 -4.18 -36.13 -8.93
CA ASN A 10 -3.23 -36.43 -9.99
C ASN A 10 -3.16 -35.33 -11.08
N ALA A 11 -4.31 -34.88 -11.58
CA ALA A 11 -4.29 -33.91 -12.67
C ALA A 11 -3.77 -32.56 -12.19
N PHE A 12 -4.17 -32.17 -10.99
CA PHE A 12 -3.65 -30.94 -10.41
C PHE A 12 -2.15 -31.03 -10.29
N ASP A 13 -1.68 -32.19 -9.82
CA ASP A 13 -0.26 -32.45 -9.58
C ASP A 13 0.59 -32.34 -10.85
N VAL A 14 0.05 -32.85 -11.96
CA VAL A 14 0.80 -32.90 -13.20
C VAL A 14 1.08 -31.47 -13.65
N ILE A 15 0.06 -30.61 -13.57
CA ILE A 15 0.22 -29.24 -14.02
C ILE A 15 1.03 -28.43 -13.00
N GLU A 16 0.88 -28.76 -11.72
CA GLU A 16 1.58 -28.04 -10.67
C GLU A 16 3.08 -28.31 -10.74
N LEU A 17 3.46 -29.58 -10.78
CA LEU A 17 4.87 -29.95 -10.97
C LEU A 17 5.43 -29.32 -12.27
N SER A 18 4.69 -29.47 -13.37
CA SER A 18 5.13 -28.99 -14.67
C SER A 18 5.36 -27.47 -14.64
N SER A 19 4.46 -26.71 -14.00
CA SER A 19 4.60 -25.25 -13.87
C SER A 19 5.80 -24.87 -13.04
N GLN A 20 6.02 -25.61 -11.97
CA GLN A 20 7.15 -25.36 -11.09
C GLN A 20 8.45 -25.58 -11.84
N ILE A 21 8.53 -26.71 -12.53
CA ILE A 21 9.70 -27.06 -13.32
C ILE A 21 9.97 -25.97 -14.36
N GLN A 22 8.89 -25.49 -14.98
CA GLN A 22 8.98 -24.44 -15.98
C GLN A 22 9.53 -23.16 -15.37
N ARG A 23 9.07 -22.88 -14.15
CA ARG A 23 9.52 -21.71 -13.42
C ARG A 23 11.01 -21.81 -13.10
N TYR A 24 11.40 -22.94 -12.51
CA TYR A 24 12.79 -23.29 -12.27
C TYR A 24 13.63 -23.09 -13.55
N ALA A 25 13.18 -23.70 -14.65
CA ALA A 25 13.87 -23.59 -15.92
C ALA A 25 14.09 -22.14 -16.33
N SER A 26 13.13 -21.27 -15.99
CA SER A 26 13.16 -19.86 -16.41
C SER A 26 14.03 -18.99 -15.52
N LEU A 27 14.61 -19.55 -14.47
CA LEU A 27 15.35 -18.77 -13.49
C LEU A 27 16.87 -18.96 -13.56
N SER A 28 17.59 -17.86 -13.76
CA SER A 28 19.05 -17.86 -13.69
C SER A 28 19.55 -18.00 -12.26
N LYS A 29 18.89 -17.34 -11.32
CA LYS A 29 19.21 -17.47 -9.91
C LYS A 29 18.02 -17.94 -9.08
N ILE A 30 18.31 -18.68 -8.03
CA ILE A 30 17.32 -19.17 -7.10
C ILE A 30 17.83 -18.82 -5.70
N ASN A 31 17.15 -17.90 -5.02
CA ASN A 31 17.56 -17.47 -3.66
C ASN A 31 18.94 -16.78 -3.74
N ASN A 32 19.12 -15.89 -4.73
CA ASN A 32 20.35 -15.16 -4.95
C ASN A 32 21.59 -16.05 -5.08
N ARG A 33 21.38 -17.24 -5.62
CA ARG A 33 22.47 -18.14 -5.93
C ARG A 33 22.19 -18.81 -7.27
N THR A 34 23.25 -19.08 -8.02
CA THR A 34 23.14 -19.58 -9.38
C THR A 34 22.30 -20.84 -9.43
N ASN A 35 21.35 -20.88 -10.37
CA ASN A 35 20.57 -22.08 -10.62
C ASN A 35 21.52 -23.19 -11.03
N PRO A 36 21.61 -24.25 -10.22
CA PRO A 36 22.56 -25.35 -10.37
C PRO A 36 22.58 -25.97 -11.76
N ILE A 37 21.45 -25.94 -12.47
CA ILE A 37 21.35 -26.63 -13.75
C ILE A 37 22.16 -25.87 -14.82
N LEU A 38 22.58 -24.66 -14.49
CA LEU A 38 23.30 -23.86 -15.44
C LEU A 38 24.81 -24.06 -15.32
N LYS A 39 25.24 -24.75 -14.26
CA LYS A 39 26.67 -24.89 -14.01
C LYS A 39 27.27 -26.10 -14.72
N ASP A 40 27.08 -26.15 -16.04
CA ASP A 40 27.57 -27.25 -16.84
C ASP A 40 27.67 -26.79 -18.28
N ASN A 41 28.12 -27.67 -19.17
CA ASN A 41 28.32 -27.29 -20.56
C ASN A 41 27.76 -28.32 -21.54
N LYS A 42 26.98 -29.27 -21.05
CA LYS A 42 26.37 -30.29 -21.91
C LYS A 42 25.09 -29.78 -22.56
N ALA A 43 24.83 -30.22 -23.78
CA ALA A 43 23.66 -29.79 -24.54
C ALA A 43 22.34 -30.39 -24.03
N LYS A 44 22.43 -31.50 -23.31
CA LYS A 44 21.24 -32.21 -22.84
C LYS A 44 21.46 -32.80 -21.46
N GLU A 45 20.48 -32.63 -20.58
CA GLU A 45 20.50 -33.36 -19.33
C GLU A 45 19.11 -33.87 -18.99
N PHE A 46 19.05 -35.10 -18.50
CA PHE A 46 17.82 -35.65 -17.95
C PHE A 46 17.85 -35.54 -16.43
N LYS A 47 16.78 -35.00 -15.87
CA LYS A 47 16.67 -34.87 -14.42
C LYS A 47 15.60 -35.83 -13.89
N ASP A 48 15.90 -36.52 -12.79
CA ASP A 48 15.21 -37.76 -12.48
C ASP A 48 13.88 -37.64 -11.77
N ALA A 49 13.13 -38.75 -11.83
CA ALA A 49 11.80 -38.88 -11.22
C ALA A 49 11.73 -38.57 -9.73
N ASP A 50 12.80 -38.87 -9.00
CA ASP A 50 12.78 -38.75 -7.54
C ASP A 50 12.80 -37.29 -7.09
N LEU A 51 13.09 -36.40 -8.04
CA LEU A 51 12.98 -34.95 -7.86
C LEU A 51 13.91 -34.39 -6.81
N LYS A 52 14.98 -35.12 -6.51
CA LYS A 52 15.98 -34.63 -5.57
C LYS A 52 16.48 -33.25 -6.03
N TRP A 53 16.70 -33.15 -7.35
CA TRP A 53 17.22 -31.92 -7.96
C TRP A 53 16.35 -30.69 -7.79
N LEU A 54 15.05 -30.89 -7.55
CA LEU A 54 14.14 -29.77 -7.42
C LEU A 54 13.88 -29.40 -5.95
N LYS A 55 14.36 -30.24 -5.02
CA LYS A 55 14.20 -29.98 -3.58
C LYS A 55 15.34 -29.13 -3.02
N LEU A 56 15.05 -28.36 -1.97
CA LEU A 56 16.06 -27.55 -1.31
C LEU A 56 17.18 -28.39 -0.68
N GLU A 57 18.36 -27.78 -0.61
CA GLU A 57 19.54 -28.44 -0.05
C GLU A 57 19.42 -28.62 1.48
N ASN A 58 18.55 -27.82 2.10
CA ASN A 58 18.33 -27.91 3.53
C ASN A 58 17.22 -28.91 3.94
N CYS A 59 16.83 -29.78 3.01
CA CYS A 59 15.88 -30.84 3.35
C CYS A 59 16.60 -31.90 4.17
N PRO A 60 15.86 -32.60 5.05
CA PRO A 60 16.37 -33.76 5.80
C PRO A 60 17.34 -34.57 4.95
N THR A 61 16.86 -35.04 3.79
CA THR A 61 17.76 -35.50 2.74
C THR A 61 18.03 -34.34 1.79
N ALA A 62 19.28 -33.89 1.74
CA ALA A 62 19.67 -32.73 0.93
C ALA A 62 19.24 -32.86 -0.54
N GLY A 63 18.56 -31.82 -1.02
CA GLY A 63 18.29 -31.68 -2.45
C GLY A 63 19.35 -30.78 -3.07
N ASP A 64 19.09 -30.28 -4.26
CA ASP A 64 20.11 -29.57 -5.03
C ASP A 64 19.87 -28.08 -5.11
N VAL A 65 18.65 -27.64 -4.87
CA VAL A 65 18.32 -26.23 -5.02
C VAL A 65 19.01 -25.44 -3.92
N PRO A 66 19.83 -24.46 -4.30
CA PRO A 66 20.71 -23.74 -3.36
C PRO A 66 19.94 -23.06 -2.26
N THR A 67 20.60 -22.56 -1.22
CA THR A 67 19.94 -21.76 -0.18
C THR A 67 20.71 -20.45 0.09
N THR A 68 20.00 -19.39 0.46
CA THR A 68 20.59 -18.09 0.83
C THR A 68 21.60 -18.15 1.96
N GLY A 69 21.45 -19.16 2.81
CA GLY A 69 22.33 -19.34 3.93
C GLY A 69 21.67 -19.07 5.26
N ASN A 70 21.08 -17.90 5.40
CA ASN A 70 20.40 -17.56 6.64
C ASN A 70 18.91 -17.86 6.55
N ASN A 71 18.39 -18.63 7.48
CA ASN A 71 16.97 -19.00 7.47
C ASN A 71 15.94 -17.96 7.93
N ASN A 72 16.39 -16.74 8.21
CA ASN A 72 15.52 -15.66 8.61
C ASN A 72 14.34 -15.48 7.66
N ASP A 73 14.61 -15.45 6.36
CA ASP A 73 13.56 -15.26 5.37
C ASP A 73 13.15 -16.57 4.75
N LEU A 74 11.98 -16.57 4.15
CA LEU A 74 11.45 -17.71 3.47
C LEU A 74 12.30 -18.00 2.28
N GLN A 75 12.61 -19.27 2.12
CA GLN A 75 13.40 -19.74 1.02
C GLN A 75 12.48 -20.15 -0.11
N ASP A 76 12.67 -19.53 -1.26
CA ASP A 76 11.97 -19.79 -2.51
C ASP A 76 12.08 -21.27 -2.74
N GLN A 77 10.96 -21.93 -3.03
CA GLN A 77 11.04 -23.35 -3.32
C GLN A 77 10.03 -23.73 -4.38
N PHE A 78 10.07 -25.00 -4.76
CA PHE A 78 9.26 -25.47 -5.88
C PHE A 78 8.33 -26.57 -5.43
N ILE A 79 8.90 -27.55 -4.73
CA ILE A 79 8.14 -28.69 -4.21
C ILE A 79 8.60 -28.97 -2.77
N ALA A 80 7.86 -29.82 -2.07
CA ALA A 80 8.12 -30.08 -0.65
C ALA A 80 9.19 -31.16 -0.47
N CYS A 81 9.85 -31.14 0.68
CA CYS A 81 10.94 -32.07 0.94
C CYS A 81 10.47 -33.51 0.80
N ASP A 82 9.19 -33.74 1.02
CA ASP A 82 8.71 -35.14 1.02
C ASP A 82 7.93 -35.45 -0.26
N ALA A 83 7.81 -34.50 -1.18
CA ALA A 83 7.03 -34.70 -2.39
C ALA A 83 7.51 -35.91 -3.16
N ASP A 84 6.56 -36.67 -3.69
CA ASP A 84 6.87 -37.80 -4.58
C ASP A 84 5.72 -37.92 -5.56
N TYR A 85 6.00 -37.62 -6.81
CA TYR A 85 4.97 -37.55 -7.83
C TYR A 85 5.00 -38.81 -8.66
N ARG A 86 5.72 -39.83 -8.15
CA ARG A 86 5.77 -41.14 -8.80
C ARG A 86 4.59 -42.06 -8.42
N LYS A 87 3.44 -41.48 -8.11
CA LYS A 87 2.21 -42.24 -7.88
C LYS A 87 1.24 -42.06 -9.04
N GLY A 88 0.00 -42.53 -8.87
CA GLY A 88 -1.08 -42.22 -9.80
C GLY A 88 -0.97 -42.84 -11.18
N ASP A 89 -1.97 -42.61 -12.01
CA ASP A 89 -1.94 -43.15 -13.37
C ASP A 89 -1.04 -42.31 -14.26
N LEU A 90 -0.93 -41.02 -13.94
CA LEU A 90 0.08 -40.17 -14.56
C LEU A 90 1.21 -39.97 -13.54
N SER A 91 2.23 -40.79 -13.70
CA SER A 91 3.33 -40.85 -12.76
C SER A 91 4.56 -40.14 -13.31
N TYR A 92 5.15 -39.25 -12.53
CA TYR A 92 6.30 -38.48 -13.02
C TYR A 92 7.48 -39.38 -13.33
N PHE A 93 8.00 -39.25 -14.54
CA PHE A 93 9.06 -40.10 -15.05
C PHE A 93 10.41 -39.36 -15.18
N GLY A 94 10.37 -38.04 -15.08
CA GLY A 94 11.58 -37.24 -15.24
C GLY A 94 11.43 -36.12 -16.26
N SER A 95 12.40 -35.21 -16.27
CA SER A 95 12.35 -34.08 -17.18
C SER A 95 13.61 -34.02 -18.04
N GLN A 96 13.39 -33.80 -19.34
CA GLN A 96 14.49 -33.69 -20.29
C GLN A 96 14.73 -32.25 -20.65
N PHE A 97 15.91 -31.76 -20.33
CA PHE A 97 16.27 -30.38 -20.63
C PHE A 97 17.20 -30.34 -21.84
N GLU A 98 16.96 -29.37 -22.73
CA GLU A 98 17.92 -29.04 -23.79
C GLU A 98 18.54 -27.67 -23.51
N PHE A 99 19.85 -27.57 -23.75
CA PHE A 99 20.57 -26.33 -23.48
C PHE A 99 21.28 -25.78 -24.71
N SER A 100 21.69 -24.52 -24.60
CA SER A 100 22.58 -23.93 -25.59
C SER A 100 23.81 -23.35 -24.88
N THR A 101 24.89 -23.15 -25.63
CA THR A 101 26.13 -22.62 -25.07
C THR A 101 25.97 -21.18 -24.54
N TYR A 102 26.73 -20.84 -23.50
CA TYR A 102 26.68 -19.50 -22.96
C TYR A 102 27.99 -19.19 -22.25
N VAL A 103 28.39 -17.93 -22.31
CA VAL A 103 29.58 -17.48 -21.59
C VAL A 103 29.14 -16.40 -20.61
N HIS A 104 29.26 -16.71 -19.32
CA HIS A 104 28.81 -15.82 -18.23
C HIS A 104 29.85 -14.74 -17.93
N PRO A 105 29.42 -13.51 -17.66
CA PRO A 105 30.42 -12.45 -17.40
C PRO A 105 31.16 -12.55 -16.04
N SER A 106 30.60 -13.22 -15.02
CA SER A 106 31.26 -13.16 -13.70
C SER A 106 31.41 -14.51 -13.00
N ASN A 107 30.79 -15.55 -13.56
CA ASN A 107 30.84 -16.87 -12.94
C ASN A 107 31.29 -17.92 -13.96
N PRO A 108 32.58 -18.30 -13.89
CA PRO A 108 33.18 -19.21 -14.89
C PRO A 108 32.57 -20.61 -14.88
N GLU A 109 31.66 -20.88 -13.95
CA GLU A 109 31.03 -22.20 -13.89
C GLU A 109 29.71 -22.27 -14.65
N ILE A 110 29.13 -21.11 -14.95
CA ILE A 110 27.93 -21.06 -15.80
C ILE A 110 28.31 -21.10 -17.27
N GLN A 111 28.00 -22.19 -17.95
CA GLN A 111 28.45 -22.37 -19.32
C GLN A 111 27.33 -22.83 -20.24
N ARG A 112 26.08 -22.62 -19.83
CA ARG A 112 24.94 -22.91 -20.72
C ARG A 112 23.66 -22.21 -20.24
N GLN A 113 22.67 -22.16 -21.12
CA GLN A 113 21.37 -21.59 -20.80
C GLN A 113 20.28 -22.50 -21.37
N ILE A 114 19.11 -22.47 -20.75
CA ILE A 114 18.04 -23.39 -21.14
C ILE A 114 17.45 -22.97 -22.45
N LYS A 115 17.16 -23.96 -23.29
CA LYS A 115 16.52 -23.75 -24.56
C LYS A 115 15.11 -24.33 -24.51
N GLN A 116 14.94 -25.39 -23.73
CA GLN A 116 13.72 -26.18 -23.76
C GLN A 116 13.67 -27.19 -22.62
N VAL A 117 12.47 -27.43 -22.07
CA VAL A 117 12.26 -28.51 -21.10
C VAL A 117 10.94 -29.24 -21.43
N VAL A 118 10.94 -30.57 -21.32
CA VAL A 118 9.71 -31.36 -21.42
C VAL A 118 9.64 -32.27 -20.19
N SER A 119 8.48 -32.36 -19.54
CA SER A 119 8.33 -33.27 -18.41
C SER A 119 7.46 -34.47 -18.79
N TYR A 120 8.00 -35.67 -18.58
CA TYR A 120 7.29 -36.91 -18.94
C TYR A 120 6.54 -37.49 -17.75
N PHE A 121 5.29 -37.86 -17.98
CA PHE A 121 4.52 -38.56 -16.96
C PHE A 121 4.10 -39.92 -17.52
N GLN A 122 4.68 -40.99 -16.97
CA GLN A 122 4.46 -42.30 -17.59
C GLN A 122 3.07 -42.81 -17.25
N TYR A 123 2.42 -43.50 -18.18
CA TYR A 123 1.10 -44.03 -17.91
C TYR A 123 1.15 -45.38 -17.19
N ARG A 124 0.40 -45.48 -16.10
CA ARG A 124 0.34 -46.73 -15.35
C ARG A 124 -1.12 -47.10 -15.05
N GLY A 125 -2.02 -46.69 -15.93
CA GLY A 125 -3.42 -47.06 -15.81
C GLY A 125 -3.71 -48.48 -16.27
N MET A 126 -4.81 -49.02 -15.76
CA MET A 126 -5.24 -50.39 -16.11
C MET A 126 -5.28 -50.59 -17.62
N GLU A 127 -5.96 -49.69 -18.31
CA GLU A 127 -6.07 -49.80 -19.74
C GLU A 127 -5.38 -48.62 -20.41
N ARG A 128 -4.39 -48.91 -21.26
CA ARG A 128 -3.54 -47.87 -21.86
C ARG A 128 -4.39 -46.88 -22.65
N ALA A 129 -5.54 -47.33 -23.16
CA ALA A 129 -6.40 -46.47 -23.97
C ALA A 129 -6.91 -45.29 -23.15
N PHE A 130 -7.03 -45.48 -21.85
CA PHE A 130 -7.57 -44.43 -20.98
C PHE A 130 -6.60 -43.24 -20.77
N ILE A 131 -5.40 -43.32 -21.34
CA ILE A 131 -4.48 -42.18 -21.26
C ILE A 131 -5.06 -40.98 -22.00
N GLY A 132 -5.92 -41.22 -22.98
CA GLY A 132 -6.60 -40.12 -23.66
C GLY A 132 -7.48 -39.31 -22.73
N ASP A 133 -8.15 -40.00 -21.81
CA ASP A 133 -8.97 -39.35 -20.80
C ASP A 133 -8.12 -38.59 -19.78
N ALA A 134 -7.05 -39.23 -19.32
CA ALA A 134 -6.12 -38.62 -18.38
C ALA A 134 -5.51 -37.34 -18.99
N ALA A 135 -5.08 -37.43 -20.25
CA ALA A 135 -4.56 -36.26 -20.95
C ALA A 135 -5.63 -35.17 -21.08
N GLY A 136 -6.89 -35.57 -21.10
CA GLY A 136 -7.99 -34.61 -21.15
C GLY A 136 -8.08 -33.75 -19.90
N TYR A 137 -7.96 -34.38 -18.73
CA TYR A 137 -8.07 -33.66 -17.45
C TYR A 137 -6.89 -32.70 -17.32
N VAL A 138 -5.71 -33.17 -17.73
CA VAL A 138 -4.48 -32.39 -17.64
C VAL A 138 -4.56 -31.14 -18.51
N ILE A 139 -5.01 -31.28 -19.74
CA ILE A 139 -5.06 -30.15 -20.64
C ILE A 139 -6.12 -29.15 -20.21
N SER A 140 -7.21 -29.64 -19.64
CA SER A 140 -8.29 -28.76 -19.19
C SER A 140 -7.85 -27.98 -17.95
N GLU A 141 -7.13 -28.66 -17.06
CA GLU A 141 -6.52 -27.98 -15.92
C GLU A 141 -5.48 -26.93 -16.37
N ALA A 142 -4.61 -27.32 -17.29
CA ALA A 142 -3.57 -26.42 -17.79
C ALA A 142 -4.16 -25.16 -18.40
N LYS A 143 -5.18 -25.31 -19.25
CA LYS A 143 -5.78 -24.16 -19.89
C LYS A 143 -6.56 -23.32 -18.86
N LYS A 144 -7.08 -23.98 -17.84
CA LYS A 144 -7.79 -23.30 -16.78
C LYS A 144 -6.87 -22.31 -16.07
N LYS A 145 -5.61 -22.71 -15.92
CA LYS A 145 -4.64 -21.88 -15.22
C LYS A 145 -3.87 -20.92 -16.15
N GLY A 146 -4.40 -20.68 -17.35
CA GLY A 146 -3.80 -19.75 -18.29
C GLY A 146 -2.58 -20.25 -19.04
N PHE A 147 -2.36 -21.57 -19.06
CA PHE A 147 -1.25 -22.16 -19.79
C PHE A 147 -1.67 -22.69 -21.16
N SER A 148 -0.71 -22.81 -22.05
CA SER A 148 -0.85 -23.56 -23.31
C SER A 148 0.19 -24.65 -23.31
N ALA A 149 -0.18 -25.85 -23.74
CA ALA A 149 0.83 -26.89 -23.85
C ALA A 149 1.49 -26.81 -25.22
N GLN A 150 2.80 -27.02 -25.28
CA GLN A 150 3.49 -26.93 -26.55
C GLN A 150 3.69 -28.34 -27.10
N ASP A 151 3.13 -28.57 -28.30
CA ASP A 151 3.14 -29.88 -28.95
C ASP A 151 2.61 -30.98 -28.02
N TYR A 152 1.46 -30.72 -27.41
CA TYR A 152 0.85 -31.66 -26.49
C TYR A 152 0.67 -33.04 -27.13
N ARG A 153 1.29 -34.04 -26.53
CA ARG A 153 1.41 -35.32 -27.20
C ARG A 153 1.57 -36.50 -26.26
N ILE A 154 1.15 -37.65 -26.76
CA ILE A 154 1.37 -38.92 -26.06
C ILE A 154 2.53 -39.63 -26.74
N VAL A 155 3.45 -40.18 -25.95
CA VAL A 155 4.70 -40.68 -26.51
C VAL A 155 5.10 -42.05 -25.98
N LEU A 156 5.98 -42.71 -26.75
CA LEU A 156 6.78 -43.82 -26.26
C LEU A 156 8.23 -43.38 -26.30
N ILE A 157 8.92 -43.55 -25.18
CA ILE A 157 10.32 -43.16 -25.10
C ILE A 157 11.23 -44.36 -24.82
N GLU A 158 12.37 -44.39 -25.51
CA GLU A 158 13.43 -45.36 -25.22
C GLU A 158 14.64 -44.62 -24.68
N PRO A 159 15.42 -45.30 -23.81
CA PRO A 159 16.70 -44.75 -23.34
C PRO A 159 17.62 -44.31 -24.48
N ASP A 160 18.20 -43.12 -24.34
CA ASP A 160 19.12 -42.57 -25.33
C ASP A 160 20.53 -42.45 -24.75
N ARG A 161 21.42 -41.88 -25.55
CA ARG A 161 22.77 -41.51 -25.12
C ARG A 161 22.66 -40.69 -23.84
N VAL A 162 21.93 -39.57 -23.92
CA VAL A 162 21.54 -38.83 -22.74
C VAL A 162 20.03 -38.80 -22.61
N GLY A 163 19.53 -39.19 -21.44
CA GLY A 163 18.11 -39.20 -21.18
C GLY A 163 17.30 -40.16 -22.03
N TYR A 164 16.31 -39.61 -22.74
CA TYR A 164 15.43 -40.42 -23.57
C TYR A 164 15.23 -39.76 -24.90
N PHE A 165 14.84 -40.56 -25.89
CA PHE A 165 14.34 -40.00 -27.13
C PHE A 165 12.94 -40.54 -27.32
N GLU A 166 12.12 -39.80 -28.06
CA GLU A 166 10.75 -40.20 -28.29
C GLU A 166 10.75 -41.04 -29.56
N SER A 167 10.63 -42.35 -29.37
CA SER A 167 10.63 -43.29 -30.49
C SER A 167 9.36 -43.11 -31.32
N ASN A 168 8.24 -42.94 -30.63
CA ASN A 168 6.96 -42.70 -31.30
C ASN A 168 6.15 -41.64 -30.58
N ALA A 169 5.27 -40.99 -31.31
CA ALA A 169 4.50 -39.88 -30.77
C ALA A 169 3.19 -39.74 -31.52
N ILE A 170 2.15 -39.33 -30.81
CA ILE A 170 0.87 -39.03 -31.43
C ILE A 170 0.34 -37.77 -30.75
N SER A 171 -0.11 -36.82 -31.56
CA SER A 171 -0.64 -35.58 -31.00
C SER A 171 -1.84 -35.92 -30.14
N TYR A 172 -2.19 -35.02 -29.22
CA TYR A 172 -3.31 -35.26 -28.33
C TYR A 172 -4.60 -35.32 -29.12
N GLU A 173 -4.76 -34.40 -30.06
CA GLU A 173 -5.96 -34.35 -30.89
C GLU A 173 -6.10 -35.62 -31.74
N GLU A 174 -5.02 -36.05 -32.38
CA GLU A 174 -5.07 -37.29 -33.18
C GLU A 174 -5.52 -38.48 -32.32
N PHE A 175 -4.88 -38.67 -31.17
CA PHE A 175 -5.27 -39.74 -30.24
C PHE A 175 -6.76 -39.69 -29.92
N ILE A 176 -7.30 -38.49 -29.76
CA ILE A 176 -8.71 -38.32 -29.46
C ILE A 176 -9.59 -38.52 -30.70
N GLU A 177 -9.32 -37.77 -31.77
CA GLU A 177 -10.22 -37.70 -32.92
C GLU A 177 -9.91 -38.63 -34.08
N ASN A 178 -9.11 -39.66 -33.86
CA ASN A 178 -8.74 -40.57 -34.94
C ASN A 178 -8.42 -41.96 -34.40
N PRO A 179 -9.47 -42.78 -34.20
CA PRO A 179 -9.38 -44.14 -33.65
C PRO A 179 -8.42 -45.03 -34.46
N SER A 180 -8.27 -44.73 -35.75
CA SER A 180 -7.34 -45.47 -36.57
C SER A 180 -5.90 -45.10 -36.22
N ALA A 181 -5.65 -43.82 -35.96
CA ALA A 181 -4.29 -43.40 -35.59
C ALA A 181 -3.93 -43.91 -34.20
N ARG A 182 -4.94 -44.01 -33.33
CA ARG A 182 -4.69 -44.37 -31.94
C ARG A 182 -4.17 -45.81 -31.75
N GLU A 183 -4.91 -46.81 -32.21
CA GLU A 183 -4.44 -48.21 -32.07
C GLU A 183 -3.18 -48.43 -32.88
N ASN A 184 -3.07 -47.75 -34.03
CA ASN A 184 -1.83 -47.68 -34.79
C ASN A 184 -0.66 -47.35 -33.86
N PHE A 185 -0.83 -46.27 -33.08
CA PHE A 185 0.16 -45.90 -32.07
C PHE A 185 0.21 -46.95 -30.97
N LEU A 186 -0.94 -47.26 -30.40
CA LEU A 186 -1.00 -48.11 -29.21
C LEU A 186 -0.39 -49.51 -29.41
N LEU A 187 -0.36 -50.02 -30.63
CA LEU A 187 0.18 -51.35 -30.87
C LEU A 187 1.71 -51.33 -30.84
N LYS A 188 2.31 -50.17 -31.09
CA LYS A 188 3.79 -50.09 -31.12
C LYS A 188 4.33 -50.10 -29.68
N ALA A 189 3.44 -50.14 -28.72
CA ALA A 189 3.81 -50.08 -27.28
C ALA A 189 4.44 -51.37 -26.77
N THR A 190 5.72 -51.57 -27.06
CA THR A 190 6.41 -52.82 -26.64
C THR A 190 7.06 -52.70 -25.25
N LYS A 191 7.98 -53.60 -24.95
CA LYS A 191 8.68 -53.62 -23.63
C LYS A 191 9.95 -52.78 -23.69
N ASP A 192 10.30 -52.28 -24.87
CA ASP A 192 11.53 -51.49 -25.02
C ASP A 192 11.17 -50.00 -24.94
N ARG A 193 9.92 -49.68 -24.63
CA ARG A 193 9.44 -48.30 -24.57
C ARG A 193 8.51 -48.05 -23.39
N THR A 194 8.52 -46.82 -22.87
CA THR A 194 7.55 -46.42 -21.85
C THR A 194 6.48 -45.51 -22.45
N LEU A 195 5.23 -45.76 -22.06
CA LEU A 195 4.11 -44.92 -22.48
C LEU A 195 4.04 -43.70 -21.56
N ALA A 196 4.02 -42.51 -22.16
CA ALA A 196 4.05 -41.29 -21.36
C ALA A 196 3.29 -40.13 -21.97
N LEU A 197 2.87 -39.22 -21.10
CA LEU A 197 2.38 -37.92 -21.50
C LEU A 197 3.54 -36.92 -21.45
N ALA A 198 3.70 -36.13 -22.51
CA ALA A 198 4.82 -35.19 -22.61
C ALA A 198 4.33 -33.76 -22.43
N VAL A 199 4.72 -33.14 -21.32
CA VAL A 199 4.19 -31.82 -20.96
C VAL A 199 5.26 -30.73 -21.00
N SER A 200 5.00 -29.71 -21.83
CA SER A 200 5.81 -28.49 -21.91
C SER A 200 4.85 -27.32 -21.85
N LEU A 201 4.93 -26.53 -20.79
CA LEU A 201 3.93 -25.49 -20.55
C LEU A 201 4.44 -24.13 -20.92
N ALA A 202 3.56 -23.34 -21.53
CA ALA A 202 3.85 -21.96 -21.79
C ALA A 202 2.75 -21.09 -21.20
N GLN A 203 3.15 -20.03 -20.52
CA GLN A 203 2.23 -19.09 -19.90
C GLN A 203 1.64 -18.13 -20.92
N THR A 204 0.38 -18.30 -21.26
CA THR A 204 -0.20 -17.49 -22.33
C THR A 204 -1.24 -16.51 -21.80
N GLY A 205 -1.86 -16.84 -20.67
CA GLY A 205 -2.73 -15.88 -20.01
C GLY A 205 -1.88 -14.87 -19.25
N GLU A 206 -2.44 -13.72 -18.92
CA GLU A 206 -1.75 -12.76 -18.05
C GLU A 206 -1.82 -13.31 -16.62
N ILE A 207 -0.79 -13.04 -15.82
CA ILE A 207 -0.75 -13.63 -14.49
C ILE A 207 -1.12 -12.62 -13.40
N ALA A 208 -1.35 -13.15 -12.22
CA ALA A 208 -1.90 -12.36 -11.13
C ALA A 208 -0.81 -11.97 -10.16
N MET A 209 -1.06 -10.90 -9.41
CA MET A 209 -0.15 -10.53 -8.31
C MET A 209 -0.27 -11.62 -7.24
N GLN A 210 0.82 -11.92 -6.57
CA GLN A 210 0.88 -13.04 -5.63
C GLN A 210 1.22 -12.60 -4.21
N ARG A 211 0.69 -13.36 -3.26
CA ARG A 211 0.91 -13.16 -1.84
C ARG A 211 2.39 -13.10 -1.43
N ASP A 212 3.27 -13.77 -2.17
CA ASP A 212 4.67 -13.75 -1.79
C ASP A 212 5.40 -12.58 -2.41
N GLY A 213 4.68 -11.72 -3.13
CA GLY A 213 5.27 -10.55 -3.76
C GLY A 213 6.24 -10.81 -4.91
N SER A 214 6.28 -12.03 -5.41
CA SER A 214 7.29 -12.42 -6.40
C SER A 214 6.93 -11.89 -7.77
N VAL A 215 5.69 -11.47 -7.96
CA VAL A 215 5.31 -10.96 -9.25
C VAL A 215 5.15 -9.43 -9.14
N ALA A 216 5.68 -8.72 -10.13
CA ALA A 216 5.67 -7.26 -10.12
C ALA A 216 4.62 -6.72 -11.07
N PHE A 217 4.08 -5.55 -10.74
CA PHE A 217 3.25 -4.81 -11.67
C PHE A 217 4.06 -4.51 -12.93
N LEU A 218 3.37 -4.47 -14.07
CA LEU A 218 4.03 -4.19 -15.34
C LEU A 218 4.45 -2.72 -15.38
N GLU A 219 5.48 -2.42 -16.17
CA GLU A 219 5.90 -1.05 -16.38
C GLU A 219 4.70 -0.15 -16.72
N ASP A 220 4.58 0.97 -16.00
CA ASP A 220 3.49 1.95 -16.18
C ASP A 220 2.10 1.48 -15.76
N SER A 221 1.97 0.25 -15.24
CA SER A 221 0.73 -0.15 -14.59
C SER A 221 0.34 0.79 -13.45
N GLU A 222 -0.97 1.04 -13.35
CA GLU A 222 -1.55 1.74 -12.21
C GLU A 222 -2.27 0.75 -11.29
N LEU A 223 -2.05 0.89 -9.99
CA LEU A 223 -2.78 0.13 -8.96
C LEU A 223 -3.96 1.03 -8.59
N CYS A 224 -5.19 0.55 -8.70
CA CYS A 224 -6.32 1.48 -8.51
C CYS A 224 -7.38 0.95 -7.54
N TRP A 225 -8.16 1.89 -7.03
CA TRP A 225 -9.25 1.59 -6.10
C TRP A 225 -10.52 2.19 -6.67
N ASP A 226 -11.58 1.41 -6.71
CA ASP A 226 -12.89 2.01 -6.98
C ASP A 226 -13.20 3.03 -5.88
N THR A 227 -13.77 4.16 -6.28
CA THR A 227 -14.34 5.11 -5.32
C THR A 227 -15.55 5.75 -5.96
N ALA A 228 -16.26 6.56 -5.18
CA ALA A 228 -17.40 7.34 -5.68
C ALA A 228 -16.96 8.62 -6.42
N ALA A 229 -15.67 8.93 -6.36
CA ALA A 229 -15.11 10.11 -7.06
C ALA A 229 -14.89 9.88 -8.55
N GLY A 230 -14.91 8.61 -8.95
CA GLY A 230 -14.72 8.26 -10.35
C GLY A 230 -13.27 8.18 -10.81
N SER A 231 -13.10 8.38 -12.12
CA SER A 231 -11.84 8.10 -12.81
C SER A 231 -10.66 9.01 -12.42
N ALA A 232 -9.46 8.43 -12.49
CA ALA A 232 -8.20 9.17 -12.30
C ALA A 232 -8.13 9.94 -10.97
N LYS A 233 -8.77 9.39 -9.94
CA LYS A 233 -8.73 10.01 -8.59
C LYS A 233 -8.27 9.00 -7.54
N SER A 234 -8.08 7.75 -7.92
CA SER A 234 -7.72 6.73 -6.91
C SER A 234 -6.64 5.79 -7.37
N CYS A 235 -5.76 6.22 -8.26
CA CYS A 235 -4.74 5.29 -8.78
C CYS A 235 -3.35 5.77 -8.43
N LEU A 236 -2.42 4.84 -8.29
CA LEU A 236 -1.01 5.21 -8.03
C LEU A 236 -0.09 4.30 -8.85
N SER A 237 1.13 4.75 -9.06
CA SER A 237 2.09 4.00 -9.86
C SER A 237 3.50 4.38 -9.49
N VAL A 238 4.43 3.53 -9.91
CA VAL A 238 5.85 3.81 -9.87
C VAL A 238 6.36 3.90 -11.29
N ARG A 239 6.82 5.09 -11.67
CA ARG A 239 7.32 5.31 -13.04
C ARG A 239 8.77 5.79 -13.01
N TYR A 240 9.52 5.52 -14.07
CA TYR A 240 10.91 5.94 -14.13
C TYR A 240 11.09 7.10 -15.10
N ASP A 241 11.44 8.27 -14.57
CA ASP A 241 11.70 9.45 -15.39
C ASP A 241 13.05 9.31 -16.11
N THR A 242 12.99 9.34 -17.44
CA THR A 242 14.15 9.07 -18.25
C THR A 242 15.09 10.27 -18.36
N VAL A 243 14.57 11.47 -18.11
CA VAL A 243 15.40 12.67 -18.22
C VAL A 243 16.19 12.92 -16.94
N GLY A 244 15.58 12.71 -15.77
CA GLY A 244 16.30 12.85 -14.52
C GLY A 244 16.94 11.55 -14.04
N ASN A 245 16.60 10.45 -14.71
CA ASN A 245 17.03 9.10 -14.33
C ASN A 245 16.70 8.79 -12.86
N LYS A 246 15.48 9.12 -12.47
CA LYS A 246 14.99 8.88 -11.12
C LYS A 246 13.63 8.19 -11.15
N THR A 247 13.37 7.32 -10.17
CA THR A 247 12.04 6.72 -10.03
C THR A 247 11.15 7.59 -9.15
N GLU A 248 9.84 7.52 -9.41
CA GLU A 248 8.87 8.30 -8.65
C GLU A 248 7.70 7.42 -8.23
N LEU A 249 7.34 7.45 -6.95
CA LEU A 249 6.03 6.94 -6.51
C LEU A 249 5.00 8.05 -6.68
N ASP A 250 4.11 7.86 -7.65
CA ASP A 250 3.21 8.93 -8.05
C ASP A 250 1.83 8.81 -7.39
N LEU A 251 1.63 9.60 -6.34
CA LEU A 251 0.40 9.57 -5.57
C LEU A 251 -0.51 10.74 -5.89
N LYS A 252 -0.18 11.48 -6.96
CA LYS A 252 -0.76 12.80 -7.17
C LYS A 252 -2.22 12.83 -7.59
N GLN A 253 -2.78 11.68 -7.95
CA GLN A 253 -4.19 11.60 -8.30
C GLN A 253 -5.04 11.72 -7.04
N ILE A 254 -4.49 11.27 -5.93
CA ILE A 254 -5.21 11.20 -4.67
C ILE A 254 -5.10 12.55 -4.00
N ASP A 255 -6.22 13.07 -3.50
CA ASP A 255 -6.25 14.41 -2.95
C ASP A 255 -5.31 14.61 -1.77
N VAL A 256 -5.29 13.67 -0.83
CA VAL A 256 -4.46 13.80 0.38
C VAL A 256 -3.83 12.47 0.76
N VAL A 257 -2.51 12.45 0.89
CA VAL A 257 -1.84 11.31 1.51
C VAL A 257 -1.84 11.58 3.00
N SER A 258 -2.39 10.64 3.77
CA SER A 258 -2.58 10.89 5.18
C SER A 258 -1.81 9.88 6.02
N ALA A 259 -0.71 10.34 6.59
CA ALA A 259 0.20 9.48 7.34
C ALA A 259 0.07 9.68 8.86
N LYS A 260 0.76 8.84 9.60
CA LYS A 260 0.88 9.04 11.05
C LYS A 260 2.27 9.63 11.16
N GLY A 261 3.25 8.83 11.58
CA GLY A 261 4.63 9.27 11.53
C GLY A 261 5.10 9.35 10.08
N LEU A 262 6.02 10.26 9.82
CA LEU A 262 6.53 10.50 8.48
C LEU A 262 8.00 10.93 8.55
N SER A 263 8.85 10.25 7.78
CA SER A 263 10.23 10.69 7.64
C SER A 263 10.64 10.72 6.17
N PHE A 264 11.68 11.50 5.89
CA PHE A 264 12.18 11.67 4.53
C PHE A 264 13.66 11.97 4.59
N GLU A 265 14.31 12.00 3.44
CA GLU A 265 15.74 12.25 3.43
C GLU A 265 16.09 13.56 2.77
N SER A 266 17.01 14.28 3.40
CA SER A 266 17.63 15.46 2.83
C SER A 266 19.13 15.25 2.77
N ASP A 267 19.64 15.15 1.55
CA ASP A 267 21.05 14.88 1.27
C ASP A 267 21.58 13.75 2.15
N GLY A 268 20.95 12.58 2.03
CA GLY A 268 21.37 11.38 2.74
C GLY A 268 21.04 11.30 4.22
N LYS A 269 20.50 12.37 4.79
CA LYS A 269 20.15 12.40 6.22
C LYS A 269 18.63 12.27 6.43
N THR A 270 18.24 11.49 7.42
CA THR A 270 16.81 11.28 7.71
C THR A 270 16.22 12.40 8.58
N LYS A 271 15.09 12.97 8.16
CA LYS A 271 14.40 13.98 8.95
C LYS A 271 12.91 13.70 9.10
N THR A 272 12.32 14.34 10.10
CA THR A 272 10.88 14.45 10.21
C THR A 272 10.51 15.90 9.89
N PRO A 273 9.24 16.17 9.54
CA PRO A 273 8.90 17.56 9.21
C PRO A 273 9.01 18.48 10.40
N VAL A 274 9.45 19.72 10.21
CA VAL A 274 9.47 20.65 11.35
C VAL A 274 8.04 20.99 11.79
N VAL A 275 7.85 21.10 13.10
CA VAL A 275 6.56 21.54 13.64
C VAL A 275 6.80 22.79 14.49
N SER A 276 5.83 23.70 14.46
CA SER A 276 6.07 25.00 15.05
C SER A 276 5.00 25.35 16.07
N THR A 277 5.39 26.15 17.06
CA THR A 277 4.46 26.72 18.02
C THR A 277 4.80 28.18 18.29
N TYR A 278 3.79 28.91 18.72
CA TYR A 278 3.94 30.30 19.11
C TYR A 278 4.15 30.35 20.63
N GLU A 279 5.27 30.93 21.06
CA GLU A 279 5.68 30.87 22.45
C GLU A 279 5.95 32.24 23.08
N THR A 280 5.60 32.35 24.35
CA THR A 280 5.92 33.52 25.21
C THR A 280 6.19 33.05 26.62
N PHE A 281 6.93 33.83 27.38
CA PHE A 281 7.25 33.50 28.77
C PHE A 281 6.10 33.84 29.72
N GLN A 282 5.90 32.99 30.72
CA GLN A 282 4.97 33.28 31.80
C GLN A 282 5.47 34.44 32.65
N ASP A 283 4.55 35.16 33.29
CA ASP A 283 4.90 36.21 34.24
C ASP A 283 5.94 35.71 35.28
N GLY A 284 6.84 36.60 35.70
CA GLY A 284 7.73 36.29 36.81
C GLY A 284 9.19 36.00 36.53
N GLY A 285 9.55 35.94 35.24
CA GLY A 285 10.93 35.71 34.81
C GLY A 285 11.37 34.27 34.90
N ARG A 286 10.46 33.32 34.93
CA ARG A 286 10.94 31.98 35.02
C ARG A 286 11.22 31.37 33.68
N ALA A 287 12.00 30.31 33.70
CA ALA A 287 12.35 29.64 32.43
C ALA A 287 11.14 28.90 31.85
N LYS A 288 11.15 28.68 30.55
CA LYS A 288 10.02 28.03 29.86
C LYS A 288 10.37 26.57 29.58
N THR A 289 9.42 25.68 29.75
CA THR A 289 9.60 24.29 29.42
C THR A 289 8.72 23.96 28.23
N ILE A 290 9.30 23.27 27.26
CA ILE A 290 8.56 22.79 26.11
C ILE A 290 8.87 21.32 25.93
N ASN A 291 7.82 20.50 25.95
CA ASN A 291 8.02 19.06 25.80
C ASN A 291 8.57 18.74 24.42
N ALA A 292 9.62 17.94 24.42
CA ALA A 292 10.21 17.42 23.18
C ALA A 292 9.23 16.47 22.50
N ILE A 293 9.03 16.65 21.19
CA ILE A 293 8.19 15.73 20.41
C ILE A 293 8.79 14.32 20.49
N GLU A 294 7.95 13.32 20.22
CA GLU A 294 8.43 11.95 20.18
C GLU A 294 9.17 11.66 18.88
N CYS A 295 10.38 11.12 18.97
CA CYS A 295 11.10 10.83 17.75
C CYS A 295 10.93 9.38 17.33
N PRO A 296 10.86 9.14 16.00
CA PRO A 296 10.89 7.78 15.47
C PRO A 296 12.18 7.08 15.87
N THR A 297 12.16 5.76 15.84
CA THR A 297 13.31 4.93 16.25
C THR A 297 14.60 5.38 15.58
N GLY A 298 15.60 5.71 16.40
CA GLY A 298 16.90 6.12 15.90
C GLY A 298 17.07 7.57 15.46
N LEU A 299 16.07 8.42 15.68
CA LEU A 299 16.24 9.86 15.40
C LEU A 299 16.39 10.64 16.71
N ASN A 300 17.04 11.80 16.64
CA ASN A 300 17.24 12.62 17.82
C ASN A 300 16.49 13.93 17.70
N ASN A 301 16.13 14.50 18.86
CA ASN A 301 15.41 15.76 18.92
C ASN A 301 16.25 16.96 18.52
N ARG A 302 15.64 17.87 17.77
CA ARG A 302 16.26 19.16 17.46
C ARG A 302 15.24 20.25 17.78
N PHE A 303 15.77 21.41 18.10
CA PHE A 303 14.96 22.54 18.50
C PHE A 303 15.62 23.82 17.97
N ALA A 304 14.80 24.81 17.63
CA ALA A 304 15.31 26.12 17.25
C ALA A 304 14.23 27.14 17.57
N ALA A 305 14.60 28.22 18.25
CA ALA A 305 13.69 29.34 18.49
C ALA A 305 14.12 30.56 17.68
N VAL A 306 13.15 31.28 17.11
CA VAL A 306 13.45 32.49 16.35
C VAL A 306 12.58 33.67 16.82
N VAL A 307 13.10 34.87 16.68
CA VAL A 307 12.38 36.06 17.13
C VAL A 307 11.20 36.36 16.24
N SER A 308 10.07 36.69 16.85
CA SER A 308 8.90 37.12 16.11
C SER A 308 8.58 38.60 16.48
N SER A 309 8.22 38.84 17.73
CA SER A 309 8.05 40.20 18.26
C SER A 309 8.87 40.41 19.51
N PHE A 310 9.25 41.65 19.77
CA PHE A 310 9.91 41.97 21.03
C PHE A 310 9.83 43.45 21.35
N SER A 311 10.00 43.80 22.62
CA SER A 311 10.28 45.18 23.03
C SER A 311 11.17 45.11 24.25
N THR A 312 11.53 46.28 24.78
CA THR A 312 12.36 46.34 25.94
C THR A 312 11.53 46.53 27.22
N ALA A 313 10.24 46.22 27.14
CA ALA A 313 9.35 46.40 28.31
C ALA A 313 9.66 45.38 29.42
N GLY A 314 10.27 44.24 29.06
CA GLY A 314 10.60 43.24 30.07
C GLY A 314 9.38 42.55 30.68
N GLN A 315 9.17 42.74 31.99
CA GLN A 315 7.99 42.24 32.68
C GLN A 315 6.70 43.01 32.37
N ASN A 316 6.81 44.26 31.90
CA ASN A 316 5.65 45.13 31.73
C ASN A 316 5.01 44.98 30.35
N ALA A 317 4.49 43.78 30.07
CA ALA A 317 4.11 43.45 28.72
C ALA A 317 3.27 42.19 28.67
N ASN A 318 2.55 42.03 27.59
CA ASN A 318 1.85 40.80 27.29
C ASN A 318 1.87 40.59 25.78
N PHE A 319 2.68 39.65 25.32
CA PHE A 319 2.80 39.37 23.89
C PHE A 319 2.08 38.05 23.50
N SER A 320 1.30 37.49 24.43
CA SER A 320 0.73 36.16 24.21
C SER A 320 -0.31 36.11 23.09
N SER A 321 -0.90 37.25 22.74
CA SER A 321 -1.82 37.28 21.60
C SER A 321 -1.07 37.49 20.28
N GLU A 322 -1.43 36.70 19.26
CA GLU A 322 -0.80 36.75 17.94
C GLU A 322 -1.25 37.96 17.14
N SER A 323 -2.32 38.60 17.58
CA SER A 323 -2.93 39.66 16.80
C SER A 323 -2.62 41.07 17.36
N ALA A 324 -2.12 41.14 18.57
CA ALA A 324 -1.88 42.43 19.23
C ALA A 324 -0.87 42.27 20.37
N LYS A 325 -0.14 43.34 20.66
CA LYS A 325 0.94 43.32 21.65
C LYS A 325 0.75 44.43 22.66
N ASP A 326 0.82 44.09 23.95
CA ASP A 326 0.78 45.11 25.01
C ASP A 326 2.18 45.30 25.59
N SER A 327 2.67 46.54 25.54
CA SER A 327 4.02 46.86 25.97
C SER A 327 4.01 48.17 26.75
N GLN A 328 4.15 48.11 28.07
CA GLN A 328 3.94 49.29 28.90
C GLN A 328 5.21 50.01 29.33
N GLY A 329 6.29 49.84 28.60
CA GLY A 329 7.52 50.54 28.95
C GLY A 329 8.44 49.82 29.92
N THR A 330 9.64 50.37 30.06
CA THR A 330 10.70 49.75 30.86
C THR A 330 10.64 50.20 32.33
N THR A 331 10.90 49.26 33.23
CA THR A 331 10.98 49.58 34.66
C THR A 331 12.11 50.58 34.95
N GLN A 332 11.75 51.71 35.55
CA GLN A 332 12.71 52.77 35.90
C GLN A 332 13.39 52.49 37.23
N LYS A 333 14.29 53.39 37.64
CA LYS A 333 15.07 53.22 38.88
C LYS A 333 14.20 53.18 40.13
N ASP A 334 13.16 54.00 40.18
CA ASP A 334 12.23 53.97 41.29
C ASP A 334 11.24 52.80 41.25
N GLY A 335 11.41 51.88 40.32
CA GLY A 335 10.50 50.74 40.21
C GLY A 335 9.25 50.97 39.38
N SER A 336 9.01 52.22 38.97
CA SER A 336 7.83 52.53 38.15
C SER A 336 8.05 52.26 36.64
N LYS A 337 6.96 52.29 35.90
CA LYS A 337 7.00 52.05 34.44
C LYS A 337 7.34 53.34 33.71
N GLY A 338 8.41 53.34 32.93
CA GLY A 338 8.82 54.53 32.20
C GLY A 338 8.87 54.32 30.71
N PRO A 339 9.66 55.15 30.01
CA PRO A 339 9.88 55.00 28.56
C PRO A 339 10.55 53.68 28.20
N HIS A 340 10.32 53.18 27.00
CA HIS A 340 11.01 51.99 26.55
C HIS A 340 12.50 52.29 26.35
N ALA A 341 13.35 51.51 27.01
CA ALA A 341 14.79 51.61 26.85
C ALA A 341 15.21 51.17 25.45
N LEU A 342 16.46 51.46 25.10
CA LEU A 342 16.97 51.09 23.78
C LEU A 342 17.69 49.77 23.92
N LEU A 343 17.97 49.13 22.78
CA LEU A 343 18.33 47.73 22.79
C LEU A 343 19.76 47.44 22.31
N SER A 344 20.42 46.47 22.92
CA SER A 344 21.73 46.06 22.43
C SER A 344 21.80 44.60 22.02
N GLY A 345 20.75 43.82 22.29
CA GLY A 345 20.75 42.43 21.90
C GLY A 345 19.66 41.57 22.48
N ILE A 346 19.45 40.41 21.85
CA ILE A 346 18.54 39.39 22.32
C ILE A 346 19.22 38.03 22.29
N SER A 347 19.16 37.28 23.39
CA SER A 347 19.59 35.88 23.35
C SER A 347 18.43 34.92 23.53
N LEU A 348 18.36 33.91 22.68
CA LEU A 348 17.46 32.77 22.89
C LEU A 348 18.32 31.55 23.09
N ASN A 349 18.18 30.89 24.25
CA ASN A 349 18.97 29.71 24.57
C ASN A 349 18.08 28.50 24.89
N TRP A 350 18.55 27.31 24.57
CA TRP A 350 17.77 26.12 24.89
C TRP A 350 18.64 24.89 25.15
N THR A 351 18.15 24.01 26.02
CA THR A 351 18.84 22.78 26.41
C THR A 351 17.84 21.65 26.59
N LEU A 352 18.18 20.48 26.06
CA LEU A 352 17.37 19.29 26.23
C LEU A 352 17.76 18.57 27.53
N THR A 353 16.83 18.43 28.45
CA THR A 353 17.10 17.60 29.62
C THR A 353 15.90 16.69 29.85
N ASN A 354 16.14 15.38 29.70
CA ASN A 354 15.14 14.34 29.97
C ASN A 354 13.82 14.66 29.29
N LYS A 355 13.86 14.75 27.97
CA LYS A 355 12.66 14.92 27.13
C LYS A 355 11.96 16.28 27.27
N VAL A 356 12.60 17.22 27.93
CA VAL A 356 12.04 18.57 28.04
C VAL A 356 13.07 19.58 27.57
N TRP A 357 12.65 20.48 26.68
CA TRP A 357 13.49 21.60 26.25
C TRP A 357 13.32 22.75 27.22
N ASP A 358 14.42 23.16 27.85
CA ASP A 358 14.43 24.32 28.71
C ASP A 358 14.89 25.54 27.93
N VAL A 359 13.98 26.50 27.81
CA VAL A 359 14.19 27.69 27.00
C VAL A 359 14.26 28.92 27.90
N THR A 360 15.33 29.69 27.73
CA THR A 360 15.56 30.94 28.46
C THR A 360 15.88 32.05 27.44
N ALA A 361 15.65 33.29 27.84
CA ALA A 361 15.89 34.42 26.97
C ALA A 361 16.40 35.61 27.76
N SER A 362 17.10 36.52 27.08
CA SER A 362 17.50 37.75 27.71
C SER A 362 17.61 38.84 26.65
N ILE A 363 17.18 40.04 27.03
CA ILE A 363 17.28 41.19 26.18
C ILE A 363 18.23 42.18 26.83
N GLY A 364 19.37 42.43 26.18
CA GLY A 364 20.30 43.46 26.62
C GLY A 364 19.77 44.83 26.25
N ILE A 365 19.81 45.78 27.19
CA ILE A 365 19.29 47.12 26.96
C ILE A 365 20.29 48.17 27.43
N GLU A 366 19.98 49.45 27.19
CA GLU A 366 20.88 50.52 27.59
C GLU A 366 20.96 50.55 29.10
N SER A 367 22.15 50.84 29.62
CA SER A 367 22.39 50.82 31.07
C SER A 367 21.81 52.04 31.76
N GLY A 368 21.71 51.97 33.10
CA GLY A 368 21.27 53.11 33.89
C GLY A 368 19.79 53.39 33.86
N ILE A 369 18.98 52.44 33.36
CA ILE A 369 17.52 52.60 33.36
C ILE A 369 16.83 51.75 34.43
N LEU A 370 17.16 50.46 34.44
CA LEU A 370 16.58 49.49 35.36
C LEU A 370 17.03 49.74 36.79
N PRO A 371 16.20 49.37 37.78
CA PRO A 371 16.62 49.53 39.19
C PRO A 371 17.78 48.60 39.53
N THR A 372 18.41 48.77 40.68
CA THR A 372 19.60 47.98 40.98
C THR A 372 19.24 46.61 41.57
N SER A 373 17.98 46.43 41.93
CA SER A 373 17.48 45.15 42.41
C SER A 373 16.03 44.95 41.96
N GLY A 374 15.55 43.72 42.04
CA GLY A 374 14.21 43.38 41.57
C GLY A 374 14.26 42.27 40.55
N ILE A 375 13.14 42.02 39.88
CA ILE A 375 13.06 40.94 38.91
C ILE A 375 14.04 41.18 37.77
N ASP A 376 14.13 42.42 37.32
CA ASP A 376 15.12 42.80 36.33
C ASP A 376 15.96 43.97 36.84
N SER A 377 17.28 43.83 36.71
CA SER A 377 18.18 44.89 37.12
C SER A 377 19.37 45.04 36.16
N GLY A 378 20.14 46.09 36.35
CA GLY A 378 21.34 46.33 35.57
C GLY A 378 20.99 46.72 34.16
N SER A 379 21.39 45.92 33.19
CA SER A 379 21.08 46.23 31.80
C SER A 379 20.63 44.96 31.09
N LEU A 380 19.81 44.18 31.78
CA LEU A 380 19.40 42.86 31.31
C LEU A 380 17.95 42.57 31.69
N LEU A 381 17.15 42.18 30.70
CA LEU A 381 15.82 41.64 30.94
C LEU A 381 15.89 40.12 30.84
N ARG A 382 15.54 39.39 31.89
CA ARG A 382 15.64 37.92 31.82
C ARG A 382 14.28 37.28 31.66
N ASN A 383 14.18 36.35 30.71
CA ASN A 383 12.93 35.64 30.39
C ASN A 383 11.75 36.62 30.31
N PRO A 384 11.88 37.64 29.46
CA PRO A 384 10.92 38.75 29.53
C PRO A 384 9.54 38.40 28.96
N LYS A 385 8.53 39.13 29.38
CA LYS A 385 7.22 38.99 28.77
C LYS A 385 7.18 39.67 27.41
N SER A 386 8.03 40.70 27.23
CA SER A 386 8.03 41.52 26.01
C SER A 386 8.75 40.83 24.83
N LEU A 387 8.28 39.65 24.48
CA LEU A 387 8.92 38.80 23.49
C LEU A 387 7.97 37.70 23.07
N SER A 388 7.93 37.43 21.78
CA SER A 388 7.31 36.21 21.32
C SER A 388 8.28 35.57 20.38
N PHE A 389 8.41 34.25 20.47
CA PHE A 389 9.27 33.57 19.56
C PHE A 389 8.55 32.36 18.99
N ILE A 390 9.00 31.89 17.82
CA ILE A 390 8.44 30.71 17.21
C ILE A 390 9.42 29.58 17.52
N ALA A 391 8.88 28.47 17.99
CA ALA A 391 9.68 27.32 18.34
C ALA A 391 9.51 26.26 17.27
N PHE A 392 10.63 25.71 16.81
CA PHE A 392 10.62 24.70 15.77
C PHE A 392 11.21 23.40 16.31
N GLN A 393 10.50 22.30 16.10
CA GLN A 393 11.02 21.00 16.50
C GLN A 393 10.95 20.08 15.31
N TRP A 394 11.94 19.17 15.25
CA TRP A 394 11.99 18.10 14.28
C TRP A 394 12.93 17.01 14.80
N CYS A 395 12.98 15.88 14.12
CA CYS A 395 13.92 14.83 14.48
C CYS A 395 14.90 14.60 13.31
N GLU A 396 16.10 14.12 13.60
CA GLU A 396 17.04 13.77 12.55
C GLU A 396 18.05 12.75 13.06
N ASN A 397 18.80 12.14 12.14
CA ASN A 397 19.85 11.18 12.51
C ASN A 397 21.25 11.75 12.25
N GLU B 3 -8.83 -40.01 -9.89
CA GLU B 3 -9.46 -40.67 -11.02
C GLU B 3 -9.26 -39.88 -12.31
N LEU B 4 -8.62 -40.51 -13.29
CA LEU B 4 -8.37 -39.86 -14.56
C LEU B 4 -9.23 -40.45 -15.67
N MET B 5 -10.41 -40.94 -15.33
CA MET B 5 -11.30 -41.51 -16.34
C MET B 5 -12.56 -40.67 -16.45
N ILE B 6 -12.94 -40.31 -17.67
CA ILE B 6 -14.11 -39.45 -17.87
C ILE B 6 -15.38 -40.30 -17.89
N LYS B 7 -16.17 -40.18 -16.82
CA LYS B 7 -17.44 -40.89 -16.72
C LYS B 7 -18.39 -40.45 -17.85
N SER B 8 -18.69 -39.15 -17.87
CA SER B 8 -19.59 -38.56 -18.85
C SER B 8 -18.89 -37.49 -19.69
N SER B 9 -18.58 -37.80 -20.95
CA SER B 9 -17.97 -36.84 -21.87
C SER B 9 -18.73 -35.53 -21.91
N ASN B 10 -20.05 -35.62 -21.92
CA ASN B 10 -20.88 -34.43 -22.02
C ASN B 10 -20.73 -33.56 -20.79
N ALA B 11 -20.73 -34.19 -19.62
CA ALA B 11 -20.58 -33.48 -18.37
C ALA B 11 -19.21 -32.81 -18.34
N PHE B 12 -18.18 -33.54 -18.76
CA PHE B 12 -16.84 -33.00 -18.90
C PHE B 12 -16.84 -31.71 -19.74
N ASP B 13 -17.46 -31.76 -20.92
CA ASP B 13 -17.50 -30.61 -21.82
C ASP B 13 -18.22 -29.41 -21.23
N VAL B 14 -19.25 -29.65 -20.42
CA VAL B 14 -20.01 -28.55 -19.83
C VAL B 14 -19.11 -27.76 -18.88
N ILE B 15 -18.30 -28.49 -18.14
CA ILE B 15 -17.36 -27.90 -17.19
C ILE B 15 -16.20 -27.21 -17.93
N GLU B 16 -15.64 -27.89 -18.92
CA GLU B 16 -14.55 -27.37 -19.69
C GLU B 16 -14.93 -26.02 -20.30
N LEU B 17 -16.09 -25.95 -20.95
CA LEU B 17 -16.58 -24.67 -21.48
C LEU B 17 -16.80 -23.67 -20.37
N SER B 18 -17.46 -24.10 -19.30
CA SER B 18 -17.83 -23.21 -18.19
C SER B 18 -16.61 -22.58 -17.52
N SER B 19 -15.53 -23.35 -17.42
CA SER B 19 -14.33 -22.86 -16.76
C SER B 19 -13.70 -21.73 -17.59
N GLN B 20 -13.83 -21.82 -18.91
CA GLN B 20 -13.30 -20.79 -19.77
C GLN B 20 -14.23 -19.56 -19.79
N ILE B 21 -15.53 -19.78 -19.70
CA ILE B 21 -16.44 -18.64 -19.60
C ILE B 21 -16.15 -17.87 -18.32
N GLN B 22 -15.86 -18.61 -17.26
CA GLN B 22 -15.50 -18.00 -15.98
C GLN B 22 -14.21 -17.17 -16.13
N ARG B 23 -13.21 -17.76 -16.77
CA ARG B 23 -11.92 -17.10 -16.93
C ARG B 23 -12.08 -15.79 -17.72
N TYR B 24 -12.92 -15.82 -18.74
CA TYR B 24 -13.23 -14.68 -19.57
C TYR B 24 -13.98 -13.61 -18.78
N ALA B 25 -14.96 -14.01 -17.99
CA ALA B 25 -15.74 -13.05 -17.21
C ALA B 25 -14.90 -12.36 -16.14
N SER B 26 -13.79 -12.97 -15.76
CA SER B 26 -12.96 -12.40 -14.70
C SER B 26 -11.96 -11.38 -15.24
N LEU B 27 -11.83 -11.30 -16.57
CA LEU B 27 -10.79 -10.47 -17.16
C LEU B 27 -11.32 -9.12 -17.60
N SER B 28 -10.56 -8.08 -17.27
CA SER B 28 -10.86 -6.73 -17.76
C SER B 28 -10.10 -6.50 -19.07
N LYS B 29 -8.97 -7.18 -19.22
CA LYS B 29 -8.24 -7.16 -20.47
C LYS B 29 -7.83 -8.55 -20.99
N ILE B 30 -7.77 -8.67 -22.31
CA ILE B 30 -7.38 -9.89 -23.01
C ILE B 30 -6.40 -9.51 -24.11
N ASN B 31 -5.23 -10.16 -24.11
CA ASN B 31 -4.16 -9.86 -25.07
C ASN B 31 -3.92 -8.35 -25.08
N ASN B 32 -3.85 -7.80 -23.87
CA ASN B 32 -3.66 -6.38 -23.56
C ASN B 32 -4.61 -5.43 -24.26
N ARG B 33 -5.84 -5.87 -24.49
CA ARG B 33 -6.89 -5.02 -25.04
C ARG B 33 -8.14 -5.20 -24.16
N THR B 34 -8.93 -4.16 -23.97
CA THR B 34 -10.12 -4.23 -23.14
C THR B 34 -11.03 -5.38 -23.56
N ASN B 35 -11.58 -6.09 -22.58
CA ASN B 35 -12.61 -7.10 -22.81
C ASN B 35 -13.84 -6.47 -23.49
N PRO B 36 -14.13 -6.90 -24.73
CA PRO B 36 -15.23 -6.38 -25.56
C PRO B 36 -16.55 -6.30 -24.81
N ILE B 37 -16.84 -7.28 -23.94
CA ILE B 37 -18.14 -7.35 -23.29
C ILE B 37 -18.36 -6.18 -22.34
N LEU B 38 -17.28 -5.48 -22.00
CA LEU B 38 -17.35 -4.41 -20.99
C LEU B 38 -17.54 -3.00 -21.58
N LYS B 39 -17.59 -2.89 -22.90
CA LYS B 39 -17.58 -1.57 -23.56
C LYS B 39 -18.97 -0.93 -23.68
N ASP B 40 -20.01 -1.76 -23.73
CA ASP B 40 -21.37 -1.29 -23.85
C ASP B 40 -21.90 -0.77 -22.50
N ASN B 41 -23.16 -0.39 -22.46
CA ASN B 41 -23.74 0.12 -21.21
C ASN B 41 -25.17 -0.38 -20.94
N LYS B 42 -25.52 -1.53 -21.52
CA LYS B 42 -26.80 -2.14 -21.18
C LYS B 42 -26.64 -3.02 -19.94
N ALA B 43 -27.72 -3.15 -19.16
CA ALA B 43 -27.67 -3.96 -17.94
C ALA B 43 -27.70 -5.47 -18.23
N LYS B 44 -27.90 -5.84 -19.49
CA LYS B 44 -27.99 -7.24 -19.89
C LYS B 44 -27.46 -7.48 -21.29
N GLU B 45 -26.93 -8.68 -21.53
CA GLU B 45 -26.66 -9.13 -22.90
C GLU B 45 -26.63 -10.66 -22.95
N PHE B 46 -27.26 -11.21 -23.98
CA PHE B 46 -27.26 -12.64 -24.20
C PHE B 46 -26.24 -12.98 -25.27
N LYS B 47 -25.31 -13.87 -24.96
CA LYS B 47 -24.28 -14.27 -25.92
C LYS B 47 -24.60 -15.67 -26.51
N ASP B 48 -24.52 -15.77 -27.84
CA ASP B 48 -25.15 -16.89 -28.55
C ASP B 48 -24.42 -18.23 -28.39
N ALA B 49 -25.16 -19.30 -28.66
CA ALA B 49 -24.66 -20.65 -28.47
C ALA B 49 -23.52 -21.00 -29.43
N ASP B 50 -23.43 -20.29 -30.56
CA ASP B 50 -22.38 -20.60 -31.54
C ASP B 50 -20.98 -20.27 -30.99
N LEU B 51 -20.95 -19.43 -29.95
CA LEU B 51 -19.71 -19.09 -29.23
C LEU B 51 -18.71 -18.26 -30.06
N LYS B 52 -19.21 -17.54 -31.06
CA LYS B 52 -18.31 -16.71 -31.91
C LYS B 52 -17.70 -15.64 -31.01
N TRP B 53 -18.49 -15.14 -30.08
CA TRP B 53 -18.06 -14.14 -29.09
C TRP B 53 -16.92 -14.59 -28.16
N LEU B 54 -16.67 -15.89 -28.08
CA LEU B 54 -15.60 -16.38 -27.23
C LEU B 54 -14.34 -16.78 -28.01
N LYS B 55 -14.38 -16.62 -29.34
CA LYS B 55 -13.25 -17.02 -30.16
C LYS B 55 -12.38 -15.82 -30.57
N LEU B 56 -11.11 -16.09 -30.84
CA LEU B 56 -10.16 -15.05 -31.25
C LEU B 56 -10.52 -14.40 -32.59
N GLU B 57 -10.26 -13.11 -32.72
CA GLU B 57 -10.63 -12.38 -33.94
C GLU B 57 -9.74 -12.76 -35.12
N ASN B 58 -8.70 -13.57 -34.88
CA ASN B 58 -7.79 -14.00 -35.93
C ASN B 58 -8.09 -15.43 -36.38
N CYS B 59 -9.26 -15.93 -35.98
CA CYS B 59 -9.75 -17.22 -36.47
C CYS B 59 -10.12 -17.04 -37.95
N PRO B 60 -9.96 -18.12 -38.75
CA PRO B 60 -10.46 -18.18 -40.13
C PRO B 60 -11.82 -17.49 -40.27
N THR B 61 -12.83 -17.95 -39.53
CA THR B 61 -14.01 -17.14 -39.29
C THR B 61 -13.74 -16.31 -38.05
N ALA B 62 -13.75 -14.98 -38.18
CA ALA B 62 -13.23 -14.13 -37.12
C ALA B 62 -14.14 -14.05 -35.89
N GLY B 63 -13.57 -14.33 -34.72
CA GLY B 63 -14.29 -14.18 -33.45
C GLY B 63 -14.27 -12.75 -32.91
N ASP B 64 -14.76 -12.56 -31.69
CA ASP B 64 -14.85 -11.23 -31.08
C ASP B 64 -13.75 -10.91 -30.07
N VAL B 65 -12.95 -11.91 -29.70
CA VAL B 65 -11.95 -11.73 -28.67
C VAL B 65 -10.68 -11.14 -29.29
N PRO B 66 -10.23 -10.00 -28.75
CA PRO B 66 -9.06 -9.30 -29.31
C PRO B 66 -7.78 -10.10 -29.22
N THR B 67 -6.89 -9.90 -30.19
CA THR B 67 -5.53 -10.43 -30.17
C THR B 67 -4.57 -9.28 -29.97
N THR B 68 -3.30 -9.58 -29.74
CA THR B 68 -2.28 -8.54 -29.71
C THR B 68 -2.09 -7.97 -31.12
N GLY B 69 -1.31 -6.91 -31.24
CA GLY B 69 -1.02 -6.35 -32.55
C GLY B 69 -0.53 -7.39 -33.56
N ASN B 70 0.18 -8.39 -33.06
CA ASN B 70 0.90 -9.33 -33.90
C ASN B 70 0.39 -10.76 -33.80
N ASN B 71 0.14 -11.39 -34.94
CA ASN B 71 -0.10 -12.84 -34.97
C ASN B 71 1.24 -13.54 -34.75
N ASN B 72 2.29 -12.73 -34.78
CA ASN B 72 3.62 -13.10 -34.31
C ASN B 72 3.59 -13.82 -32.94
N ASP B 73 3.06 -13.15 -31.92
CA ASP B 73 3.11 -13.65 -30.54
C ASP B 73 2.12 -14.77 -30.22
N LEU B 74 2.39 -15.45 -29.10
CA LEU B 74 1.41 -16.34 -28.48
C LEU B 74 0.20 -15.53 -28.04
N GLN B 75 -1.00 -16.04 -28.34
CA GLN B 75 -2.23 -15.37 -27.94
C GLN B 75 -2.93 -16.12 -26.81
N ASP B 76 -3.46 -15.36 -25.87
CA ASP B 76 -4.39 -15.86 -24.87
C ASP B 76 -5.66 -16.29 -25.59
N GLN B 77 -6.15 -17.49 -25.30
CA GLN B 77 -7.38 -17.95 -25.93
C GLN B 77 -8.24 -18.77 -24.96
N PHE B 78 -9.52 -18.90 -25.31
CA PHE B 78 -10.49 -19.54 -24.43
C PHE B 78 -11.02 -20.88 -24.99
N ILE B 79 -11.43 -20.88 -26.26
CA ILE B 79 -11.83 -22.12 -26.93
C ILE B 79 -11.18 -22.15 -28.29
N ALA B 80 -11.05 -23.35 -28.86
CA ALA B 80 -10.49 -23.53 -30.19
C ALA B 80 -11.33 -22.80 -31.25
N CYS B 81 -10.69 -22.44 -32.35
CA CYS B 81 -11.38 -21.74 -33.45
C CYS B 81 -12.58 -22.54 -34.00
N ASP B 82 -12.46 -23.86 -34.03
CA ASP B 82 -13.54 -24.72 -34.55
C ASP B 82 -14.46 -25.31 -33.48
N ALA B 83 -14.38 -24.84 -32.24
CA ALA B 83 -15.12 -25.44 -31.13
C ALA B 83 -16.63 -25.29 -31.29
N ASP B 84 -17.35 -26.35 -30.88
CA ASP B 84 -18.81 -26.35 -30.86
C ASP B 84 -19.28 -27.17 -29.65
N TYR B 85 -19.98 -26.52 -28.73
CA TYR B 85 -20.42 -27.19 -27.51
C TYR B 85 -21.94 -27.45 -27.58
N ARG B 86 -22.50 -27.30 -28.77
CA ARG B 86 -23.92 -27.60 -28.97
C ARG B 86 -24.06 -29.08 -29.32
N LYS B 87 -23.64 -29.92 -28.37
CA LYS B 87 -23.53 -31.36 -28.55
C LYS B 87 -24.17 -32.02 -27.35
N GLY B 88 -24.45 -33.31 -27.45
CA GLY B 88 -24.83 -34.12 -26.30
C GLY B 88 -26.17 -33.82 -25.65
N ASP B 89 -26.44 -34.49 -24.54
CA ASP B 89 -27.74 -34.36 -23.87
C ASP B 89 -27.87 -33.01 -23.20
N LEU B 90 -26.76 -32.50 -22.67
CA LEU B 90 -26.70 -31.11 -22.21
C LEU B 90 -25.93 -30.28 -23.25
N SER B 91 -26.69 -29.54 -24.05
CA SER B 91 -26.18 -28.85 -25.23
C SER B 91 -26.13 -27.34 -25.00
N TYR B 92 -24.94 -26.75 -25.14
CA TYR B 92 -24.77 -25.35 -24.77
C TYR B 92 -25.73 -24.46 -25.57
N PHE B 93 -26.37 -23.54 -24.87
CA PHE B 93 -27.47 -22.78 -25.43
C PHE B 93 -27.21 -21.27 -25.42
N GLY B 94 -26.04 -20.88 -24.91
CA GLY B 94 -25.73 -19.48 -24.73
C GLY B 94 -25.70 -19.07 -23.26
N SER B 95 -25.22 -17.86 -22.98
CA SER B 95 -25.08 -17.37 -21.62
C SER B 95 -25.67 -15.99 -21.44
N GLN B 96 -26.40 -15.80 -20.35
CA GLN B 96 -26.93 -14.49 -20.01
C GLN B 96 -25.95 -13.71 -19.15
N PHE B 97 -25.43 -12.60 -19.66
CA PHE B 97 -24.59 -11.72 -18.86
C PHE B 97 -25.42 -10.59 -18.25
N GLU B 98 -25.27 -10.38 -16.94
CA GLU B 98 -25.90 -9.24 -16.30
C GLU B 98 -24.84 -8.26 -15.79
N PHE B 99 -25.11 -6.96 -15.91
CA PHE B 99 -24.12 -5.95 -15.57
C PHE B 99 -24.67 -4.89 -14.62
N SER B 100 -23.77 -4.03 -14.17
CA SER B 100 -24.16 -2.74 -13.61
C SER B 100 -23.26 -1.68 -14.19
N THR B 101 -23.73 -0.44 -14.19
CA THR B 101 -22.92 0.66 -14.68
C THR B 101 -21.64 0.74 -13.86
N TYR B 102 -20.55 1.13 -14.51
CA TYR B 102 -19.25 1.13 -13.84
C TYR B 102 -18.29 2.10 -14.50
N VAL B 103 -17.69 2.96 -13.68
CA VAL B 103 -16.61 3.81 -14.14
C VAL B 103 -15.30 3.21 -13.63
N HIS B 104 -14.47 2.75 -14.55
CA HIS B 104 -13.18 2.20 -14.18
C HIS B 104 -12.24 3.37 -13.87
N PRO B 105 -11.41 3.24 -12.81
CA PRO B 105 -10.61 4.40 -12.43
C PRO B 105 -9.54 4.73 -13.46
N SER B 106 -9.16 3.79 -14.31
CA SER B 106 -8.08 4.06 -15.24
C SER B 106 -8.32 3.64 -16.69
N ASN B 107 -9.34 2.84 -16.96
CA ASN B 107 -9.62 2.40 -18.32
C ASN B 107 -10.92 3.04 -18.80
N PRO B 108 -10.82 4.02 -19.72
CA PRO B 108 -11.97 4.80 -20.19
C PRO B 108 -12.91 3.99 -21.08
N GLU B 109 -12.42 2.89 -21.63
CA GLU B 109 -13.20 2.06 -22.56
C GLU B 109 -14.23 1.20 -21.82
N ILE B 110 -14.06 1.01 -20.52
CA ILE B 110 -14.99 0.20 -19.73
C ILE B 110 -16.15 1.07 -19.28
N GLN B 111 -17.36 0.55 -19.45
CA GLN B 111 -18.56 1.29 -19.15
C GLN B 111 -19.52 0.51 -18.24
N ARG B 112 -19.19 -0.76 -17.99
CA ARG B 112 -20.00 -1.58 -17.07
C ARG B 112 -19.16 -2.72 -16.51
N GLN B 113 -19.66 -3.37 -15.46
CA GLN B 113 -19.00 -4.53 -14.87
C GLN B 113 -19.94 -5.72 -14.76
N ILE B 114 -19.40 -6.91 -14.92
CA ILE B 114 -20.20 -8.12 -14.86
C ILE B 114 -20.68 -8.37 -13.43
N LYS B 115 -21.99 -8.47 -13.25
CA LYS B 115 -22.57 -8.88 -11.96
C LYS B 115 -22.61 -10.40 -11.84
N GLN B 116 -23.08 -11.03 -12.91
CA GLN B 116 -23.38 -12.46 -12.90
C GLN B 116 -23.42 -13.01 -14.33
N VAL B 117 -23.00 -14.25 -14.50
CA VAL B 117 -23.09 -14.92 -15.79
C VAL B 117 -23.85 -16.23 -15.62
N VAL B 118 -24.99 -16.36 -16.30
CA VAL B 118 -25.80 -17.57 -16.22
C VAL B 118 -25.72 -18.31 -17.54
N SER B 119 -25.09 -19.47 -17.53
CA SER B 119 -24.93 -20.25 -18.75
C SER B 119 -25.97 -21.38 -18.86
N TYR B 120 -26.62 -21.46 -20.01
CA TYR B 120 -27.68 -22.42 -20.19
C TYR B 120 -27.25 -23.59 -21.06
N PHE B 121 -27.58 -24.78 -20.59
CA PHE B 121 -27.28 -26.00 -21.30
C PHE B 121 -28.61 -26.73 -21.47
N GLN B 122 -29.11 -26.78 -22.69
CA GLN B 122 -30.45 -27.29 -22.94
C GLN B 122 -30.43 -28.81 -22.90
N TYR B 123 -31.48 -29.39 -22.34
CA TYR B 123 -31.57 -30.83 -22.20
C TYR B 123 -32.22 -31.46 -23.43
N ARG B 124 -31.54 -32.43 -24.01
CA ARG B 124 -32.03 -33.12 -25.20
C ARG B 124 -32.10 -34.63 -24.99
N GLY B 125 -32.32 -35.06 -23.75
CA GLY B 125 -32.57 -36.45 -23.44
C GLY B 125 -34.02 -36.79 -23.71
N MET B 126 -34.32 -38.08 -23.89
CA MET B 126 -35.67 -38.48 -24.35
C MET B 126 -36.76 -38.19 -23.34
N GLU B 127 -36.41 -38.21 -22.05
CA GLU B 127 -37.40 -38.00 -20.99
C GLU B 127 -36.95 -36.88 -20.07
N ARG B 128 -37.80 -35.86 -19.95
CA ARG B 128 -37.43 -34.60 -19.31
C ARG B 128 -37.00 -34.72 -17.85
N ALA B 129 -37.58 -35.68 -17.13
CA ALA B 129 -37.38 -35.77 -15.69
C ALA B 129 -35.91 -35.99 -15.34
N PHE B 130 -35.22 -36.74 -16.19
CA PHE B 130 -33.86 -37.18 -15.90
C PHE B 130 -32.78 -36.17 -16.31
N ILE B 131 -33.20 -34.92 -16.46
CA ILE B 131 -32.26 -33.82 -16.47
C ILE B 131 -31.69 -33.74 -15.04
N GLY B 132 -32.43 -34.29 -14.07
CA GLY B 132 -31.94 -34.39 -12.71
C GLY B 132 -30.66 -35.20 -12.60
N ASP B 133 -30.63 -36.37 -13.23
CA ASP B 133 -29.43 -37.18 -13.24
C ASP B 133 -28.30 -36.48 -13.97
N ALA B 134 -28.64 -35.89 -15.12
CA ALA B 134 -27.67 -35.18 -15.94
C ALA B 134 -27.02 -34.05 -15.14
N ALA B 135 -27.86 -33.27 -14.46
CA ALA B 135 -27.40 -32.20 -13.60
C ALA B 135 -26.38 -32.70 -12.57
N GLY B 136 -26.65 -33.85 -11.94
CA GLY B 136 -25.82 -34.34 -10.87
C GLY B 136 -24.43 -34.75 -11.33
N TYR B 137 -24.36 -35.36 -12.51
CA TYR B 137 -23.08 -35.70 -13.11
C TYR B 137 -22.26 -34.44 -13.46
N VAL B 138 -22.94 -33.36 -13.83
CA VAL B 138 -22.26 -32.10 -14.08
C VAL B 138 -21.69 -31.55 -12.78
N ILE B 139 -22.51 -31.57 -11.74
CA ILE B 139 -22.08 -31.09 -10.42
C ILE B 139 -20.87 -31.91 -9.91
N SER B 140 -20.94 -33.24 -10.08
CA SER B 140 -19.86 -34.14 -9.68
C SER B 140 -18.56 -33.84 -10.41
N GLU B 141 -18.70 -33.66 -11.72
CA GLU B 141 -17.58 -33.36 -12.60
C GLU B 141 -16.98 -31.99 -12.27
N ALA B 142 -17.80 -31.02 -11.88
CA ALA B 142 -17.32 -29.69 -11.45
C ALA B 142 -16.31 -29.82 -10.31
N LYS B 143 -16.71 -30.56 -9.29
CA LYS B 143 -15.87 -30.78 -8.12
C LYS B 143 -14.63 -31.58 -8.49
N LYS B 144 -14.77 -32.55 -9.38
CA LYS B 144 -13.62 -33.34 -9.82
C LYS B 144 -12.57 -32.46 -10.54
N LYS B 145 -13.04 -31.49 -11.31
CA LYS B 145 -12.16 -30.64 -12.10
C LYS B 145 -11.85 -29.32 -11.38
N GLY B 146 -12.33 -29.19 -10.14
CA GLY B 146 -12.05 -28.02 -9.33
C GLY B 146 -12.75 -26.78 -9.85
N PHE B 147 -13.88 -26.99 -10.52
CA PHE B 147 -14.65 -25.85 -10.99
C PHE B 147 -15.64 -25.42 -9.93
N SER B 148 -15.64 -24.13 -9.63
CA SER B 148 -16.47 -23.59 -8.58
C SER B 148 -17.50 -22.61 -9.12
N ALA B 149 -18.75 -23.04 -9.22
CA ALA B 149 -19.82 -22.16 -9.67
C ALA B 149 -20.71 -21.85 -8.48
N GLN B 150 -21.54 -20.84 -8.60
CA GLN B 150 -22.23 -20.33 -7.44
C GLN B 150 -23.68 -20.82 -7.36
N ASP B 151 -24.16 -21.46 -8.43
CA ASP B 151 -25.50 -22.01 -8.44
C ASP B 151 -25.72 -22.98 -9.60
N TYR B 152 -26.47 -24.03 -9.34
CA TYR B 152 -26.95 -24.94 -10.39
C TYR B 152 -28.47 -25.07 -10.26
N ARG B 153 -29.19 -24.73 -11.32
CA ARG B 153 -30.65 -24.78 -11.29
C ARG B 153 -31.21 -25.37 -12.58
N ILE B 154 -32.40 -25.96 -12.49
CA ILE B 154 -33.15 -26.42 -13.65
C ILE B 154 -34.13 -25.34 -14.05
N VAL B 155 -34.07 -24.87 -15.30
CA VAL B 155 -34.91 -23.74 -15.68
C VAL B 155 -35.72 -23.99 -16.95
N LEU B 156 -36.70 -23.10 -17.15
CA LEU B 156 -37.42 -22.99 -18.41
C LEU B 156 -37.17 -21.60 -18.98
N ILE B 157 -36.63 -21.55 -20.19
CA ILE B 157 -36.31 -20.25 -20.79
C ILE B 157 -37.09 -20.04 -22.09
N GLU B 158 -37.63 -18.83 -22.23
CA GLU B 158 -38.32 -18.40 -23.46
C GLU B 158 -37.54 -17.28 -24.16
N PRO B 159 -37.67 -17.18 -25.49
CA PRO B 159 -37.03 -16.07 -26.19
C PRO B 159 -37.54 -14.72 -25.70
N ASP B 160 -36.69 -13.69 -25.85
CA ASP B 160 -36.99 -12.36 -25.36
C ASP B 160 -36.88 -11.36 -26.49
N ARG B 161 -36.86 -10.08 -26.14
CA ARG B 161 -36.71 -9.02 -27.13
C ARG B 161 -35.35 -9.12 -27.81
N VAL B 162 -34.30 -9.28 -27.01
CA VAL B 162 -32.94 -9.45 -27.54
C VAL B 162 -32.23 -10.68 -26.95
N GLY B 163 -32.85 -11.33 -25.97
CA GLY B 163 -32.27 -12.51 -25.35
C GLY B 163 -33.22 -13.62 -24.96
N TYR B 164 -33.06 -14.12 -23.73
CA TYR B 164 -33.97 -15.10 -23.12
C TYR B 164 -34.16 -14.76 -21.65
N PHE B 165 -35.30 -15.16 -21.09
CA PHE B 165 -35.52 -14.97 -19.66
C PHE B 165 -35.98 -16.28 -19.03
N GLU B 166 -36.12 -16.29 -17.71
CA GLU B 166 -36.49 -17.52 -17.02
C GLU B 166 -37.94 -17.47 -16.58
N SER B 167 -38.78 -18.20 -17.31
CA SER B 167 -40.22 -18.26 -17.02
C SER B 167 -40.45 -19.00 -15.72
N ASN B 168 -39.62 -20.03 -15.47
CA ASN B 168 -39.75 -20.84 -14.27
C ASN B 168 -38.39 -21.42 -13.88
N ALA B 169 -38.12 -21.42 -12.59
CA ALA B 169 -36.87 -21.99 -12.10
C ALA B 169 -37.11 -22.83 -10.86
N ILE B 170 -36.35 -23.92 -10.76
CA ILE B 170 -36.33 -24.74 -9.57
C ILE B 170 -34.89 -25.10 -9.27
N SER B 171 -34.48 -25.01 -8.01
CA SER B 171 -33.12 -25.36 -7.60
C SER B 171 -32.90 -26.88 -7.78
N TYR B 172 -31.64 -27.26 -7.96
CA TYR B 172 -31.29 -28.67 -8.19
C TYR B 172 -31.72 -29.53 -7.03
N GLU B 173 -31.44 -29.03 -5.83
CA GLU B 173 -31.74 -29.74 -4.59
C GLU B 173 -33.23 -30.07 -4.52
N GLU B 174 -34.07 -29.07 -4.75
CA GLU B 174 -35.52 -29.24 -4.68
C GLU B 174 -36.10 -29.99 -5.87
N PHE B 175 -35.29 -30.29 -6.88
CA PHE B 175 -35.74 -31.05 -8.04
C PHE B 175 -35.62 -32.54 -7.77
N ILE B 176 -34.57 -32.93 -7.08
CA ILE B 176 -34.38 -34.33 -6.74
C ILE B 176 -35.08 -34.65 -5.40
N GLU B 177 -34.96 -33.73 -4.43
CA GLU B 177 -35.39 -33.99 -3.05
C GLU B 177 -36.76 -33.42 -2.69
N ASN B 178 -37.58 -33.10 -3.70
CA ASN B 178 -38.88 -32.50 -3.45
C ASN B 178 -39.83 -32.80 -4.61
N PRO B 179 -40.23 -34.08 -4.78
CA PRO B 179 -41.11 -34.44 -5.91
C PRO B 179 -42.42 -33.64 -5.98
N SER B 180 -42.74 -32.92 -4.90
CA SER B 180 -43.91 -32.03 -4.89
C SER B 180 -43.67 -30.75 -5.69
N ALA B 181 -42.43 -30.28 -5.67
CA ALA B 181 -42.05 -29.09 -6.41
C ALA B 181 -41.53 -29.46 -7.79
N ARG B 182 -41.04 -30.69 -7.92
CA ARG B 182 -40.46 -31.18 -9.16
C ARG B 182 -41.49 -31.27 -10.30
N GLU B 183 -42.54 -32.05 -10.10
CA GLU B 183 -43.58 -32.13 -11.09
C GLU B 183 -44.47 -30.88 -11.02
N ASN B 184 -44.24 -30.04 -10.02
CA ASN B 184 -44.85 -28.72 -9.93
C ASN B 184 -44.21 -27.80 -10.98
N PHE B 185 -42.98 -28.15 -11.36
CA PHE B 185 -42.18 -27.38 -12.32
C PHE B 185 -42.29 -27.90 -13.77
N LEU B 186 -42.32 -29.23 -13.93
CA LEU B 186 -42.30 -29.86 -15.25
C LEU B 186 -43.60 -29.69 -16.05
N LEU B 187 -44.66 -29.23 -15.37
CA LEU B 187 -45.92 -28.87 -15.97
C LEU B 187 -45.67 -27.81 -17.02
N LYS B 188 -45.00 -26.75 -16.56
CA LYS B 188 -44.77 -25.54 -17.35
C LYS B 188 -43.90 -25.77 -18.57
N ALA B 189 -43.41 -26.99 -18.74
CA ALA B 189 -42.45 -27.30 -19.80
C ALA B 189 -43.10 -27.38 -21.17
N THR B 190 -43.83 -26.32 -21.52
CA THR B 190 -44.57 -26.27 -22.78
C THR B 190 -43.61 -26.06 -23.97
N LYS B 191 -44.15 -25.89 -25.17
CA LYS B 191 -43.37 -26.09 -26.39
C LYS B 191 -42.66 -24.88 -26.94
N ASP B 192 -42.89 -23.70 -26.37
CA ASP B 192 -42.07 -22.53 -26.71
C ASP B 192 -41.14 -22.14 -25.56
N ARG B 193 -41.02 -23.06 -24.59
CA ARG B 193 -40.05 -22.94 -23.52
C ARG B 193 -38.98 -24.00 -23.70
N THR B 194 -37.73 -23.65 -23.43
CA THR B 194 -36.63 -24.61 -23.51
C THR B 194 -36.21 -25.02 -22.10
N LEU B 195 -36.10 -26.33 -21.88
CA LEU B 195 -35.67 -26.85 -20.58
C LEU B 195 -34.15 -26.98 -20.53
N ALA B 196 -33.55 -26.46 -19.46
CA ALA B 196 -32.08 -26.43 -19.41
C ALA B 196 -31.53 -26.50 -18.00
N LEU B 197 -30.29 -26.97 -17.92
CA LEU B 197 -29.48 -26.79 -16.74
C LEU B 197 -28.89 -25.38 -16.80
N ALA B 198 -28.99 -24.64 -15.70
CA ALA B 198 -28.44 -23.29 -15.65
C ALA B 198 -27.26 -23.27 -14.70
N VAL B 199 -26.13 -22.79 -15.19
CA VAL B 199 -24.91 -22.66 -14.40
C VAL B 199 -24.61 -21.17 -14.18
N SER B 200 -24.70 -20.73 -12.93
CA SER B 200 -24.50 -19.33 -12.57
C SER B 200 -23.12 -19.10 -12.01
N LEU B 201 -22.48 -18.05 -12.52
CA LEU B 201 -21.19 -17.58 -12.00
C LEU B 201 -21.38 -16.19 -11.43
N ALA B 202 -21.26 -16.03 -10.12
CA ALA B 202 -21.31 -14.70 -9.51
C ALA B 202 -19.92 -14.05 -9.54
N GLN B 203 -19.87 -12.75 -9.75
CA GLN B 203 -18.62 -12.01 -9.73
C GLN B 203 -18.36 -11.47 -8.33
N THR B 204 -17.37 -12.03 -7.66
CA THR B 204 -17.19 -11.70 -6.24
C THR B 204 -15.92 -10.90 -6.01
N GLY B 205 -15.58 -10.68 -4.75
CA GLY B 205 -14.32 -10.06 -4.42
C GLY B 205 -13.14 -10.99 -4.69
N GLU B 206 -13.40 -12.21 -5.12
CA GLU B 206 -12.33 -13.18 -5.32
C GLU B 206 -11.54 -12.97 -6.61
N ILE B 207 -12.11 -12.21 -7.56
CA ILE B 207 -11.43 -11.87 -8.83
C ILE B 207 -9.99 -11.42 -8.61
N ALA B 208 -9.05 -12.04 -9.32
CA ALA B 208 -7.62 -11.81 -9.11
C ALA B 208 -7.16 -10.42 -9.56
N MET B 209 -6.27 -9.80 -8.76
CA MET B 209 -5.63 -8.56 -9.15
C MET B 209 -4.53 -8.87 -10.15
N GLN B 210 -4.72 -8.44 -11.41
CA GLN B 210 -3.77 -8.77 -12.47
C GLN B 210 -2.57 -7.81 -12.44
N ARG B 211 -1.39 -8.34 -12.76
CA ARG B 211 -0.16 -7.54 -12.79
C ARG B 211 -0.13 -6.38 -13.82
N ASP B 212 -1.11 -6.33 -14.71
CA ASP B 212 -1.21 -5.27 -15.69
C ASP B 212 -2.02 -4.11 -15.12
N GLY B 213 -2.50 -4.28 -13.89
CA GLY B 213 -3.31 -3.28 -13.22
C GLY B 213 -4.71 -3.07 -13.78
N SER B 214 -5.15 -3.96 -14.65
CA SER B 214 -6.49 -3.85 -15.26
C SER B 214 -7.65 -3.99 -14.27
N VAL B 215 -7.42 -4.63 -13.12
CA VAL B 215 -8.50 -4.82 -12.14
C VAL B 215 -8.32 -3.90 -10.95
N ALA B 216 -9.37 -3.16 -10.59
CA ALA B 216 -9.30 -2.29 -9.43
C ALA B 216 -9.67 -3.04 -8.15
N PHE B 217 -9.04 -2.64 -7.05
CA PHE B 217 -9.51 -2.98 -5.72
C PHE B 217 -10.93 -2.47 -5.57
N LEU B 218 -11.79 -3.27 -4.94
CA LEU B 218 -13.12 -2.85 -4.57
C LEU B 218 -13.11 -1.60 -3.68
N GLU B 219 -14.17 -0.81 -3.79
CA GLU B 219 -14.39 0.32 -2.91
C GLU B 219 -14.33 -0.09 -1.44
N ASP B 220 -13.55 0.66 -0.66
CA ASP B 220 -13.45 0.49 0.78
C ASP B 220 -12.64 -0.74 1.17
N SER B 221 -11.89 -1.30 0.23
CA SER B 221 -11.07 -2.48 0.55
C SER B 221 -9.65 -2.06 0.89
N GLU B 222 -8.91 -2.97 1.52
CA GLU B 222 -7.61 -2.64 2.08
C GLU B 222 -6.48 -3.53 1.54
N LEU B 223 -5.30 -2.94 1.32
CA LEU B 223 -4.14 -3.71 0.96
C LEU B 223 -3.28 -3.98 2.22
N CYS B 224 -3.10 -5.26 2.53
CA CYS B 224 -2.62 -5.67 3.85
C CYS B 224 -1.31 -6.44 3.82
N TRP B 225 -0.53 -6.29 4.88
CA TRP B 225 0.68 -7.08 5.10
C TRP B 225 0.56 -7.89 6.40
N ASP B 226 0.96 -9.16 6.36
CA ASP B 226 1.38 -9.83 7.59
C ASP B 226 2.62 -9.11 8.10
N THR B 227 2.79 -9.04 9.41
CA THR B 227 4.05 -8.53 9.95
C THR B 227 4.54 -9.38 11.11
N ALA B 228 5.75 -9.09 11.57
CA ALA B 228 6.33 -9.77 12.73
C ALA B 228 5.68 -9.34 14.05
N ALA B 229 4.73 -8.42 14.02
CA ALA B 229 4.03 -8.06 15.26
C ALA B 229 3.13 -9.19 15.78
N GLY B 230 2.90 -10.20 14.95
CA GLY B 230 1.97 -11.26 15.30
C GLY B 230 0.93 -11.46 14.22
N SER B 231 -0.33 -11.61 14.61
CA SER B 231 -1.39 -11.90 13.65
C SER B 231 -2.14 -10.65 13.17
N ALA B 232 -1.92 -9.51 13.84
CA ALA B 232 -2.51 -8.27 13.36
C ALA B 232 -1.88 -7.86 12.01
N LYS B 233 -2.74 -7.54 11.05
CA LYS B 233 -2.33 -7.14 9.71
C LYS B 233 -2.15 -5.63 9.67
N SER B 234 -1.21 -5.16 8.86
CA SER B 234 -0.98 -3.72 8.69
C SER B 234 -1.47 -3.33 7.31
N CYS B 235 -2.51 -2.50 7.22
CA CYS B 235 -3.17 -2.26 5.93
C CYS B 235 -3.20 -0.82 5.51
N LEU B 236 -3.38 -0.59 4.21
CA LEU B 236 -3.57 0.76 3.72
C LEU B 236 -4.69 0.77 2.69
N SER B 237 -5.20 1.95 2.34
CA SER B 237 -6.31 2.00 1.40
C SER B 237 -6.45 3.38 0.78
N VAL B 238 -7.21 3.45 -0.30
CA VAL B 238 -7.67 4.70 -0.87
C VAL B 238 -9.17 4.80 -0.61
N ARG B 239 -9.55 5.80 0.19
CA ARG B 239 -10.98 5.98 0.56
C ARG B 239 -11.47 7.34 0.09
N TYR B 240 -12.77 7.44 -0.17
CA TYR B 240 -13.41 8.68 -0.61
C TYR B 240 -14.36 9.15 0.47
N ASP B 241 -14.19 10.40 0.90
CA ASP B 241 -15.05 10.96 1.94
C ASP B 241 -16.06 11.94 1.35
N THR B 242 -17.35 11.63 1.50
CA THR B 242 -18.42 12.47 0.96
C THR B 242 -18.43 13.85 1.63
N VAL B 243 -18.03 13.88 2.91
CA VAL B 243 -17.80 15.13 3.62
C VAL B 243 -16.50 15.77 3.15
N GLY B 244 -16.60 16.67 2.17
CA GLY B 244 -15.43 17.32 1.64
C GLY B 244 -15.13 16.88 0.21
N ASN B 245 -15.67 15.72 -0.16
CA ASN B 245 -15.50 15.16 -1.50
C ASN B 245 -14.03 15.06 -1.94
N LYS B 246 -13.21 14.43 -1.10
CA LYS B 246 -11.79 14.28 -1.40
C LYS B 246 -11.40 12.83 -1.20
N THR B 247 -10.44 12.35 -1.98
CA THR B 247 -9.91 11.01 -1.79
C THR B 247 -8.69 11.07 -0.88
N GLU B 248 -8.49 10.01 -0.10
CA GLU B 248 -7.39 9.96 0.86
C GLU B 248 -6.63 8.64 0.70
N LEU B 249 -5.30 8.71 0.69
CA LEU B 249 -4.46 7.51 0.77
C LEU B 249 -4.13 7.31 2.25
N ASP B 250 -4.84 6.37 2.87
CA ASP B 250 -4.82 6.27 4.33
C ASP B 250 -3.69 5.35 4.77
N LEU B 251 -2.64 5.95 5.33
CA LEU B 251 -1.49 5.20 5.79
C LEU B 251 -1.40 5.15 7.31
N LYS B 252 -2.48 5.50 8.00
CA LYS B 252 -2.41 5.68 9.45
C LYS B 252 -2.32 4.42 10.30
N GLN B 253 -2.56 3.23 9.73
CA GLN B 253 -2.27 2.02 10.51
C GLN B 253 -0.76 1.79 10.63
N ILE B 254 0.01 2.50 9.81
CA ILE B 254 1.47 2.37 9.85
C ILE B 254 2.05 3.44 10.78
N ASP B 255 3.01 3.07 11.62
CA ASP B 255 3.58 4.04 12.55
C ASP B 255 4.40 5.10 11.82
N VAL B 256 5.32 4.68 10.95
CA VAL B 256 6.14 5.66 10.25
C VAL B 256 6.15 5.37 8.73
N VAL B 257 5.84 6.39 7.94
CA VAL B 257 6.03 6.31 6.50
C VAL B 257 7.43 6.85 6.23
N SER B 258 8.29 6.02 5.67
CA SER B 258 9.72 6.33 5.52
C SER B 258 10.09 6.54 4.05
N ALA B 259 10.22 7.80 3.67
CA ALA B 259 10.51 8.19 2.29
C ALA B 259 11.97 8.56 2.10
N LYS B 260 12.40 8.57 0.84
CA LYS B 260 13.68 9.16 0.49
C LYS B 260 13.42 10.59 0.10
N GLY B 261 13.38 10.87 -1.21
CA GLY B 261 12.86 12.14 -1.68
C GLY B 261 11.37 12.19 -1.48
N LEU B 262 10.83 13.39 -1.25
CA LEU B 262 9.42 13.59 -0.97
C LEU B 262 8.95 14.98 -1.41
N SER B 263 7.90 15.03 -2.20
CA SER B 263 7.36 16.31 -2.59
C SER B 263 5.86 16.27 -2.43
N PHE B 264 5.26 17.44 -2.35
CA PHE B 264 3.82 17.56 -2.13
C PHE B 264 3.37 18.87 -2.73
N GLU B 265 2.07 19.11 -2.74
CA GLU B 265 1.54 20.33 -3.34
C GLU B 265 0.88 21.24 -2.32
N SER B 266 1.16 22.53 -2.46
CA SER B 266 0.50 23.57 -1.66
C SER B 266 -0.10 24.61 -2.58
N ASP B 267 -1.43 24.67 -2.58
CA ASP B 267 -2.19 25.54 -3.47
C ASP B 267 -1.63 25.49 -4.90
N GLY B 268 -1.55 24.30 -5.46
CA GLY B 268 -1.09 24.15 -6.84
C GLY B 268 0.41 24.04 -7.07
N LYS B 269 1.21 24.63 -6.19
CA LYS B 269 2.67 24.61 -6.32
C LYS B 269 3.30 23.35 -5.69
N THR B 270 4.38 22.84 -6.28
CA THR B 270 5.06 21.66 -5.78
C THR B 270 6.25 22.06 -4.91
N LYS B 271 6.34 21.47 -3.70
CA LYS B 271 7.44 21.76 -2.79
C LYS B 271 8.02 20.52 -2.16
N THR B 272 9.20 20.67 -1.58
CA THR B 272 9.75 19.68 -0.67
C THR B 272 9.68 20.23 0.77
N PRO B 273 9.69 19.35 1.78
CA PRO B 273 9.58 19.85 3.16
C PRO B 273 10.76 20.73 3.53
N VAL B 274 10.51 21.83 4.24
CA VAL B 274 11.60 22.69 4.69
C VAL B 274 12.53 21.91 5.60
N VAL B 275 13.83 22.15 5.47
CA VAL B 275 14.77 21.59 6.43
C VAL B 275 15.57 22.73 7.04
N SER B 276 15.96 22.58 8.30
CA SER B 276 16.60 23.71 8.97
C SER B 276 17.92 23.35 9.63
N THR B 277 18.78 24.36 9.74
CA THR B 277 20.05 24.26 10.42
C THR B 277 20.28 25.50 11.27
N TYR B 278 21.12 25.33 12.28
CA TYR B 278 21.51 26.41 13.14
C TYR B 278 22.86 26.88 12.63
N GLU B 279 23.00 28.20 12.41
CA GLU B 279 24.21 28.77 11.79
C GLU B 279 24.80 30.00 12.48
N THR B 280 26.12 30.08 12.51
CA THR B 280 26.82 31.30 12.93
C THR B 280 28.00 31.58 11.98
N PHE B 281 28.55 32.79 12.01
CA PHE B 281 29.72 33.13 11.19
C PHE B 281 31.01 32.74 11.92
N GLN B 282 32.05 32.44 11.17
CA GLN B 282 33.39 32.24 11.73
C GLN B 282 34.12 33.56 11.83
N ASP B 283 35.16 33.60 12.66
CA ASP B 283 36.06 34.75 12.78
C ASP B 283 36.52 35.21 11.41
N GLY B 284 36.72 36.52 11.24
CA GLY B 284 37.34 37.02 10.02
C GLY B 284 36.48 37.86 9.08
N GLY B 285 35.17 37.89 9.31
CA GLY B 285 34.31 38.77 8.53
C GLY B 285 33.96 38.34 7.12
N ARG B 286 33.99 37.03 6.85
CA ARG B 286 33.61 36.50 5.55
C ARG B 286 32.23 35.84 5.58
N ALA B 287 31.69 35.53 4.41
CA ALA B 287 30.35 34.97 4.33
C ALA B 287 30.26 33.60 5.00
N LYS B 288 29.04 33.23 5.37
CA LYS B 288 28.78 31.88 5.85
C LYS B 288 28.27 31.06 4.66
N THR B 289 29.02 30.06 4.25
CA THR B 289 28.64 29.27 3.10
C THR B 289 27.89 28.02 3.52
N ILE B 290 26.78 27.78 2.85
CA ILE B 290 25.91 26.67 3.16
C ILE B 290 25.59 25.91 1.89
N ASN B 291 25.93 24.62 1.85
CA ASN B 291 25.60 23.82 0.67
C ASN B 291 24.10 23.80 0.40
N ALA B 292 23.75 24.03 -0.86
CA ALA B 292 22.35 23.93 -1.29
C ALA B 292 21.91 22.47 -1.28
N ILE B 293 20.70 22.20 -0.78
CA ILE B 293 20.18 20.85 -0.85
C ILE B 293 20.05 20.46 -2.34
N GLU B 294 20.07 19.16 -2.62
CA GLU B 294 19.77 18.67 -3.96
C GLU B 294 18.27 18.66 -4.24
N CYS B 295 17.84 19.28 -5.33
CA CYS B 295 16.42 19.34 -5.66
C CYS B 295 15.97 18.24 -6.62
N PRO B 296 14.79 17.67 -6.36
CA PRO B 296 14.22 16.72 -7.34
C PRO B 296 13.98 17.39 -8.68
N THR B 297 13.85 16.56 -9.71
CA THR B 297 13.66 17.01 -11.09
C THR B 297 12.57 18.07 -11.22
N GLY B 298 12.92 19.21 -11.81
CA GLY B 298 11.96 20.27 -12.06
C GLY B 298 11.72 21.30 -10.98
N LEU B 299 12.37 21.11 -9.82
CA LEU B 299 12.17 22.01 -8.69
C LEU B 299 13.42 22.86 -8.45
N ASN B 300 13.22 24.11 -8.04
CA ASN B 300 14.36 25.00 -7.79
C ASN B 300 14.62 25.26 -6.31
N ASN B 301 15.87 25.59 -6.01
CA ASN B 301 16.31 25.83 -4.66
C ASN B 301 15.71 27.10 -4.10
N ARG B 302 15.28 27.02 -2.85
CA ARG B 302 14.85 28.19 -2.07
C ARG B 302 15.56 28.20 -0.72
N PHE B 303 15.60 29.37 -0.09
CA PHE B 303 16.35 29.58 1.13
C PHE B 303 15.76 30.77 1.90
N ALA B 304 15.83 30.69 3.22
CA ALA B 304 15.50 31.81 4.09
C ALA B 304 16.32 31.71 5.37
N ALA B 305 16.85 32.84 5.81
CA ALA B 305 17.54 32.94 7.09
C ALA B 305 16.71 33.81 8.02
N VAL B 306 16.55 33.40 9.26
CA VAL B 306 15.83 34.20 10.26
C VAL B 306 16.64 34.35 11.54
N VAL B 307 16.45 35.49 12.18
CA VAL B 307 17.20 35.85 13.36
C VAL B 307 16.85 34.98 14.57
N SER B 308 17.87 34.41 15.21
CA SER B 308 17.68 33.70 16.47
C SER B 308 18.19 34.52 17.65
N SER B 309 19.51 34.60 17.80
CA SER B 309 20.09 35.52 18.79
C SER B 309 20.98 36.54 18.09
N PHE B 310 21.23 37.66 18.76
CA PHE B 310 22.16 38.69 18.29
C PHE B 310 22.56 39.63 19.41
N SER B 311 23.70 40.30 19.23
CA SER B 311 24.11 41.40 20.09
C SER B 311 24.99 42.30 19.28
N THR B 312 25.43 43.41 19.88
CA THR B 312 26.26 44.39 19.17
C THR B 312 27.76 44.21 19.41
N ALA B 313 28.20 42.98 19.66
CA ALA B 313 29.60 42.73 19.98
C ALA B 313 30.47 42.46 18.75
N GLY B 314 29.83 42.19 17.61
CA GLY B 314 30.55 42.01 16.36
C GLY B 314 31.45 40.78 16.33
N GLN B 315 32.77 41.00 16.25
CA GLN B 315 33.73 39.90 16.27
C GLN B 315 33.97 39.35 17.69
N ASN B 316 33.61 40.14 18.71
CA ASN B 316 33.94 39.79 20.10
C ASN B 316 32.83 38.95 20.71
N ALA B 317 32.64 37.77 20.17
CA ALA B 317 31.52 36.94 20.55
C ALA B 317 31.66 35.51 20.04
N ASN B 318 30.94 34.63 20.71
CA ASN B 318 30.79 33.26 20.25
C ASN B 318 29.36 32.81 20.53
N PHE B 319 28.61 32.61 19.45
CA PHE B 319 27.19 32.30 19.53
C PHE B 319 26.92 30.89 19.02
N SER B 320 27.97 30.08 18.92
CA SER B 320 27.88 28.78 18.27
C SER B 320 27.18 27.71 19.11
N SER B 321 27.18 27.87 20.44
CA SER B 321 26.45 26.92 21.28
C SER B 321 24.97 27.29 21.30
N GLU B 322 24.11 26.30 21.24
CA GLU B 322 22.66 26.56 21.25
C GLU B 322 22.13 26.83 22.67
N SER B 323 22.97 26.63 23.69
CA SER B 323 22.50 26.73 25.07
C SER B 323 23.11 27.90 25.85
N ALA B 324 24.12 28.56 25.28
CA ALA B 324 24.65 29.79 25.88
C ALA B 324 25.32 30.69 24.84
N LYS B 325 25.34 31.99 25.12
CA LYS B 325 25.93 32.97 24.22
C LYS B 325 27.07 33.71 24.90
N ASP B 326 28.22 33.75 24.24
CA ASP B 326 29.35 34.51 24.76
C ASP B 326 29.47 35.84 24.01
N SER B 327 29.40 36.95 24.74
CA SER B 327 29.31 38.28 24.12
C SER B 327 30.14 39.30 24.89
N GLN B 328 31.31 39.61 24.35
CA GLN B 328 32.28 40.44 25.02
C GLN B 328 32.32 41.92 24.81
N GLY B 329 31.32 42.47 24.18
CA GLY B 329 31.23 43.91 23.97
C GLY B 329 31.67 44.45 22.60
N THR B 330 31.35 45.72 22.36
CA THR B 330 31.67 46.38 21.10
C THR B 330 33.09 46.96 21.06
N THR B 331 33.79 46.79 19.94
CA THR B 331 35.12 47.36 19.78
C THR B 331 35.09 48.90 19.85
N GLN B 332 35.96 49.47 20.68
CA GLN B 332 36.03 50.92 20.86
C GLN B 332 37.06 51.54 19.91
N LYS B 333 37.09 52.87 19.85
CA LYS B 333 37.94 53.56 18.88
C LYS B 333 39.42 53.19 19.01
N ASP B 334 39.85 52.84 20.23
CA ASP B 334 41.25 52.44 20.44
C ASP B 334 41.45 50.94 20.28
N GLY B 335 40.49 50.24 19.67
CA GLY B 335 40.60 48.80 19.44
C GLY B 335 40.27 47.86 20.60
N SER B 336 39.95 48.41 21.76
CA SER B 336 39.63 47.57 22.92
C SER B 336 38.14 47.20 23.02
N LYS B 337 37.84 46.14 23.75
CA LYS B 337 36.45 45.79 24.00
C LYS B 337 35.86 46.73 25.04
N GLY B 338 34.71 47.29 24.74
CA GLY B 338 33.99 48.12 25.67
C GLY B 338 32.58 47.59 25.86
N PRO B 339 31.70 48.42 26.42
CA PRO B 339 30.29 48.06 26.59
C PRO B 339 29.61 47.72 25.27
N HIS B 340 28.45 47.08 25.34
CA HIS B 340 27.68 46.78 24.15
C HIS B 340 27.01 48.06 23.65
N ALA B 341 27.28 48.43 22.42
CA ALA B 341 26.62 49.57 21.78
C ALA B 341 25.15 49.28 21.55
N LEU B 342 24.38 50.33 21.25
CA LEU B 342 22.97 50.21 20.93
C LEU B 342 22.78 49.96 19.43
N LEU B 343 21.65 49.33 19.08
CA LEU B 343 21.45 48.75 17.76
C LEU B 343 20.44 49.52 16.91
N SER B 344 20.67 49.61 15.59
CA SER B 344 19.71 50.24 14.68
C SER B 344 19.11 49.27 13.65
N GLY B 345 19.71 48.10 13.47
CA GLY B 345 19.22 47.17 12.48
C GLY B 345 20.06 45.92 12.28
N ILE B 346 19.47 44.95 11.58
CA ILE B 346 20.17 43.74 11.17
C ILE B 346 19.80 43.42 9.72
N SER B 347 20.80 43.09 8.92
CA SER B 347 20.58 42.69 7.53
C SER B 347 21.07 41.27 7.32
N LEU B 348 20.23 40.44 6.72
CA LEU B 348 20.64 39.11 6.31
C LEU B 348 20.40 38.98 4.82
N ASN B 349 21.47 38.69 4.08
CA ASN B 349 21.39 38.51 2.63
C ASN B 349 21.93 37.16 2.22
N TRP B 350 21.32 36.61 1.17
CA TRP B 350 21.77 35.32 0.67
C TRP B 350 21.67 35.25 -0.86
N THR B 351 22.65 34.57 -1.46
CA THR B 351 22.75 34.44 -2.91
C THR B 351 23.22 33.03 -3.22
N LEU B 352 22.55 32.39 -4.18
CA LEU B 352 22.96 31.04 -4.56
C LEU B 352 23.95 31.13 -5.72
N THR B 353 25.18 30.69 -5.51
CA THR B 353 26.06 30.50 -6.66
C THR B 353 26.71 29.13 -6.63
N ASN B 354 26.45 28.36 -7.68
CA ASN B 354 27.14 27.10 -7.90
C ASN B 354 26.82 26.08 -6.81
N LYS B 355 25.53 25.95 -6.49
CA LYS B 355 25.06 24.95 -5.53
C LYS B 355 25.49 25.26 -4.10
N VAL B 356 25.97 26.48 -3.87
CA VAL B 356 26.30 26.95 -2.53
C VAL B 356 25.55 28.26 -2.22
N TRP B 357 24.96 28.35 -1.03
CA TRP B 357 24.36 29.61 -0.59
C TRP B 357 25.42 30.39 0.18
N ASP B 358 25.67 31.63 -0.22
CA ASP B 358 26.53 32.53 0.55
C ASP B 358 25.64 33.50 1.31
N VAL B 359 25.71 33.41 2.64
CA VAL B 359 24.95 34.29 3.50
C VAL B 359 25.88 35.37 4.03
N THR B 360 25.48 36.62 3.87
CA THR B 360 26.20 37.71 4.49
C THR B 360 25.26 38.52 5.38
N ALA B 361 25.85 39.23 6.33
CA ALA B 361 25.06 39.97 7.28
C ALA B 361 25.82 41.16 7.81
N SER B 362 25.07 42.15 8.28
CA SER B 362 25.65 43.22 9.05
C SER B 362 24.65 43.70 10.09
N ILE B 363 25.19 44.14 11.22
CA ILE B 363 24.44 44.74 12.29
C ILE B 363 24.79 46.22 12.35
N GLY B 364 23.77 47.08 12.21
CA GLY B 364 23.96 48.52 12.34
C GLY B 364 23.87 48.99 13.79
N ILE B 365 24.86 49.77 14.23
CA ILE B 365 24.87 50.29 15.61
C ILE B 365 24.98 51.82 15.64
N GLU B 366 24.95 52.38 16.85
CA GLU B 366 25.09 53.83 17.02
C GLU B 366 26.46 54.28 16.54
N SER B 367 26.53 55.49 16.00
CA SER B 367 27.79 55.98 15.44
C SER B 367 28.72 56.50 16.55
N GLY B 368 29.98 56.70 16.19
CA GLY B 368 30.94 57.26 17.12
C GLY B 368 31.53 56.30 18.14
N ILE B 369 31.25 55.01 18.00
CA ILE B 369 31.85 54.05 18.93
C ILE B 369 33.00 53.32 18.25
N LEU B 370 32.74 52.82 17.04
CA LEU B 370 33.67 51.94 16.34
C LEU B 370 34.87 52.68 15.77
N PRO B 371 35.98 51.96 15.56
CA PRO B 371 37.08 52.44 14.72
C PRO B 371 36.61 52.84 13.33
N THR B 372 37.41 53.63 12.61
CA THR B 372 37.07 54.08 11.26
C THR B 372 37.19 52.95 10.25
N SER B 373 38.10 52.01 10.55
CA SER B 373 38.44 50.93 9.64
C SER B 373 38.48 49.55 10.31
N GLY B 374 38.16 48.52 9.54
CA GLY B 374 38.16 47.16 10.03
C GLY B 374 36.83 46.47 9.80
N ILE B 375 36.73 45.22 10.24
CA ILE B 375 35.52 44.43 10.06
C ILE B 375 34.37 45.10 10.80
N ASP B 376 34.60 45.45 12.05
CA ASP B 376 33.68 46.29 12.79
C ASP B 376 34.21 47.70 12.74
N SER B 377 33.57 48.54 11.93
CA SER B 377 34.06 49.90 11.73
C SER B 377 32.94 50.78 11.23
N GLY B 378 33.08 52.07 11.48
CA GLY B 378 32.05 53.03 11.11
C GLY B 378 30.81 52.86 11.97
N SER B 379 29.78 52.24 11.40
CA SER B 379 28.53 52.08 12.14
C SER B 379 28.00 50.67 11.93
N LEU B 380 28.89 49.78 11.52
CA LEU B 380 28.48 48.44 11.06
C LEU B 380 29.37 47.31 11.58
N LEU B 381 28.73 46.23 12.00
CA LEU B 381 29.43 44.99 12.30
C LEU B 381 29.19 44.02 11.14
N ARG B 382 30.27 43.60 10.48
CA ARG B 382 30.15 42.90 9.20
C ARG B 382 30.34 41.40 9.39
N ASN B 383 29.42 40.61 8.84
CA ASN B 383 29.39 39.16 9.05
C ASN B 383 29.73 38.79 10.49
N PRO B 384 28.96 39.33 11.44
CA PRO B 384 29.40 39.29 12.84
C PRO B 384 29.32 37.91 13.49
N LYS B 385 30.19 37.67 14.46
CA LYS B 385 30.09 36.49 15.28
C LYS B 385 28.98 36.60 16.32
N SER B 386 28.57 37.84 16.60
CA SER B 386 27.51 38.13 17.59
C SER B 386 26.16 38.01 16.88
N LEU B 387 25.88 36.83 16.33
CA LEU B 387 24.65 36.58 15.61
C LEU B 387 24.47 35.07 15.43
N SER B 388 23.25 34.57 15.62
CA SER B 388 22.94 33.23 15.17
C SER B 388 21.64 33.28 14.37
N PHE B 389 21.58 32.52 13.28
CA PHE B 389 20.35 32.47 12.51
C PHE B 389 19.96 31.04 12.19
N ILE B 390 18.69 30.84 11.93
CA ILE B 390 18.21 29.56 11.45
C ILE B 390 18.08 29.66 9.94
N ALA B 391 18.65 28.69 9.24
CA ALA B 391 18.56 28.63 7.80
C ALA B 391 17.50 27.63 7.41
N PHE B 392 16.58 28.04 6.55
CA PHE B 392 15.58 27.14 6.00
C PHE B 392 15.85 26.88 4.52
N GLN B 393 15.78 25.62 4.12
CA GLN B 393 15.95 25.25 2.73
C GLN B 393 14.78 24.39 2.29
N TRP B 394 14.35 24.61 1.05
CA TRP B 394 13.33 23.77 0.41
C TRP B 394 13.38 23.96 -1.10
N CYS B 395 12.74 23.04 -1.82
CA CYS B 395 12.66 23.17 -3.27
C CYS B 395 11.23 23.48 -3.67
N GLU B 396 11.05 24.15 -4.82
CA GLU B 396 9.72 24.39 -5.37
C GLU B 396 9.78 24.70 -6.89
N ASN B 397 8.63 24.59 -7.56
CA ASN B 397 8.55 24.90 -8.99
C ASN B 397 7.80 26.20 -9.27
N GLU C 3 -20.00 -44.86 -5.70
CA GLU C 3 -18.58 -44.60 -5.84
C GLU C 3 -18.02 -43.89 -4.60
N LEU C 4 -16.77 -44.20 -4.25
CA LEU C 4 -16.14 -43.68 -3.03
C LEU C 4 -15.32 -42.40 -3.29
N MET C 5 -15.59 -41.74 -4.43
CA MET C 5 -15.17 -40.37 -4.68
C MET C 5 -16.20 -39.39 -4.08
N ILE C 6 -17.00 -39.94 -3.16
CA ILE C 6 -17.89 -39.16 -2.31
C ILE C 6 -17.02 -38.49 -1.24
N LYS C 7 -15.84 -39.07 -1.02
CA LYS C 7 -14.91 -38.50 -0.07
C LYS C 7 -14.27 -37.22 -0.60
N SER C 8 -13.80 -37.24 -1.85
CA SER C 8 -13.16 -36.08 -2.44
C SER C 8 -14.17 -34.94 -2.66
N SER C 9 -15.41 -35.29 -2.96
CA SER C 9 -16.48 -34.33 -3.19
C SER C 9 -16.95 -33.65 -1.89
N ASN C 10 -16.98 -34.44 -0.81
CA ASN C 10 -17.29 -33.91 0.51
C ASN C 10 -16.19 -32.92 0.87
N ALA C 11 -14.96 -33.35 0.61
CA ALA C 11 -13.78 -32.53 0.92
C ALA C 11 -13.79 -31.21 0.14
N PHE C 12 -14.20 -31.26 -1.11
CA PHE C 12 -14.24 -30.06 -1.96
C PHE C 12 -15.11 -28.99 -1.31
N ASP C 13 -16.28 -29.39 -0.83
CA ASP C 13 -17.20 -28.50 -0.13
C ASP C 13 -16.61 -27.96 1.16
N VAL C 14 -15.89 -28.80 1.92
CA VAL C 14 -15.28 -28.38 3.17
C VAL C 14 -14.34 -27.20 2.92
N ILE C 15 -13.48 -27.34 1.92
CA ILE C 15 -12.53 -26.29 1.57
C ILE C 15 -13.24 -25.08 0.96
N GLU C 16 -14.21 -25.32 0.10
CA GLU C 16 -15.03 -24.24 -0.45
C GLU C 16 -15.61 -23.36 0.67
N LEU C 17 -16.25 -23.97 1.67
CA LEU C 17 -16.82 -23.19 2.74
C LEU C 17 -15.73 -22.56 3.61
N SER C 18 -14.67 -23.32 3.87
CA SER C 18 -13.67 -22.84 4.78
C SER C 18 -12.96 -21.61 4.17
N SER C 19 -12.75 -21.60 2.85
CA SER C 19 -12.07 -20.44 2.25
C SER C 19 -13.00 -19.22 2.25
N GLN C 20 -14.29 -19.40 2.06
CA GLN C 20 -15.21 -18.27 2.18
C GLN C 20 -15.22 -17.74 3.61
N ILE C 21 -15.10 -18.62 4.60
CA ILE C 21 -15.14 -18.16 6.00
C ILE C 21 -13.88 -17.34 6.28
N GLN C 22 -12.76 -17.84 5.78
CA GLN C 22 -11.48 -17.14 5.91
C GLN C 22 -11.50 -15.78 5.19
N ARG C 23 -12.17 -15.74 4.04
CA ARG C 23 -12.30 -14.51 3.27
C ARG C 23 -13.06 -13.46 4.08
N TYR C 24 -14.25 -13.84 4.55
CA TYR C 24 -15.07 -13.03 5.43
C TYR C 24 -14.29 -12.48 6.64
N ALA C 25 -13.49 -13.34 7.25
CA ALA C 25 -12.70 -12.98 8.43
C ALA C 25 -11.61 -11.93 8.14
N SER C 26 -11.27 -11.77 6.87
CA SER C 26 -10.19 -10.87 6.48
C SER C 26 -10.67 -9.51 6.00
N LEU C 27 -11.97 -9.27 6.02
CA LEU C 27 -12.51 -8.03 5.49
C LEU C 27 -13.03 -7.14 6.61
N SER C 28 -12.64 -5.87 6.62
CA SER C 28 -13.17 -5.00 7.67
C SER C 28 -14.42 -4.33 7.14
N LYS C 29 -14.55 -4.26 5.83
CA LYS C 29 -15.80 -3.83 5.21
C LYS C 29 -16.25 -4.81 4.15
N ILE C 30 -17.57 -4.98 4.03
CA ILE C 30 -18.18 -5.81 3.00
C ILE C 30 -19.30 -4.99 2.38
N ASN C 31 -19.31 -4.89 1.06
CA ASN C 31 -20.29 -4.05 0.37
C ASN C 31 -20.38 -2.67 1.01
N ASN C 32 -19.22 -2.09 1.30
CA ASN C 32 -19.07 -0.73 1.86
C ASN C 32 -19.61 -0.56 3.28
N ARG C 33 -19.86 -1.66 3.98
CA ARG C 33 -20.31 -1.56 5.36
C ARG C 33 -19.41 -2.37 6.26
N THR C 34 -19.26 -1.93 7.50
CA THR C 34 -18.38 -2.61 8.43
C THR C 34 -18.78 -4.07 8.57
N ASN C 35 -17.79 -4.95 8.59
CA ASN C 35 -18.04 -6.35 8.84
C ASN C 35 -18.71 -6.48 10.22
N PRO C 36 -19.95 -7.02 10.27
CA PRO C 36 -20.69 -7.09 11.53
C PRO C 36 -19.91 -7.75 12.65
N ILE C 37 -19.05 -8.72 12.33
CA ILE C 37 -18.33 -9.45 13.36
C ILE C 37 -17.22 -8.63 14.02
N LEU C 38 -16.94 -7.42 13.51
CA LEU C 38 -15.85 -6.63 14.09
C LEU C 38 -16.36 -5.52 15.03
N LYS C 39 -17.67 -5.31 15.10
CA LYS C 39 -18.25 -4.21 15.90
C LYS C 39 -18.22 -4.47 17.39
N ASP C 40 -18.41 -5.71 17.82
CA ASP C 40 -18.42 -6.02 19.25
C ASP C 40 -17.00 -5.99 19.85
N ASN C 41 -16.88 -6.16 21.17
CA ASN C 41 -15.59 -6.05 21.85
C ASN C 41 -15.22 -7.26 22.71
N LYS C 42 -15.88 -8.40 22.50
CA LYS C 42 -15.46 -9.63 23.16
C LYS C 42 -14.24 -10.25 22.47
N ALA C 43 -13.51 -11.07 23.22
CA ALA C 43 -12.29 -11.72 22.75
C ALA C 43 -12.56 -12.93 21.84
N LYS C 44 -13.73 -13.52 21.97
CA LYS C 44 -14.03 -14.67 21.11
C LYS C 44 -15.51 -14.72 20.79
N GLU C 45 -15.85 -15.42 19.72
CA GLU C 45 -17.26 -15.62 19.37
C GLU C 45 -17.43 -16.84 18.48
N PHE C 46 -18.45 -17.63 18.76
CA PHE C 46 -18.75 -18.84 17.98
C PHE C 46 -19.91 -18.59 17.01
N LYS C 47 -19.73 -18.90 15.73
CA LYS C 47 -20.80 -18.73 14.75
C LYS C 47 -21.41 -20.08 14.37
N ASP C 48 -22.71 -20.08 14.15
CA ASP C 48 -23.48 -21.33 14.10
C ASP C 48 -23.41 -22.04 12.76
N ALA C 49 -23.60 -23.35 12.81
CA ALA C 49 -23.54 -24.20 11.63
C ALA C 49 -24.56 -23.84 10.52
N ASP C 50 -25.62 -23.08 10.84
CA ASP C 50 -26.67 -22.81 9.86
C ASP C 50 -26.24 -21.75 8.82
N LEU C 51 -25.13 -21.05 9.12
CA LEU C 51 -24.47 -20.10 8.20
C LEU C 51 -25.30 -18.86 7.82
N LYS C 52 -26.39 -18.61 8.55
CA LYS C 52 -27.18 -17.38 8.36
C LYS C 52 -26.27 -16.14 8.40
N TRP C 53 -25.32 -16.15 9.33
CA TRP C 53 -24.38 -15.05 9.52
C TRP C 53 -23.52 -14.77 8.28
N LEU C 54 -23.40 -15.74 7.38
CA LEU C 54 -22.51 -15.64 6.22
C LEU C 54 -23.30 -15.33 4.93
N LYS C 55 -24.63 -15.29 5.06
CA LYS C 55 -25.51 -15.05 3.93
C LYS C 55 -25.91 -13.57 3.81
N LEU C 56 -26.17 -13.13 2.58
CA LEU C 56 -26.49 -11.72 2.34
C LEU C 56 -27.85 -11.36 2.92
N GLU C 57 -27.96 -10.15 3.46
CA GLU C 57 -29.21 -9.69 4.05
C GLU C 57 -30.35 -9.51 3.02
N ASN C 58 -30.04 -9.55 1.73
CA ASN C 58 -31.07 -9.45 0.70
C ASN C 58 -31.57 -10.81 0.22
N CYS C 59 -31.12 -11.88 0.87
CA CYS C 59 -31.63 -13.22 0.59
C CYS C 59 -33.11 -13.35 0.94
N PRO C 60 -33.87 -14.21 0.23
CA PRO C 60 -35.29 -14.43 0.55
C PRO C 60 -35.54 -14.56 2.04
N THR C 61 -34.79 -15.43 2.71
CA THR C 61 -34.67 -15.40 4.16
C THR C 61 -33.36 -14.68 4.51
N ALA C 62 -33.48 -13.47 5.06
CA ALA C 62 -32.35 -12.57 5.24
C ALA C 62 -31.19 -13.10 6.10
N GLY C 63 -29.97 -13.06 5.54
CA GLY C 63 -28.74 -13.34 6.28
C GLY C 63 -28.21 -12.10 6.99
N ASP C 64 -27.00 -12.15 7.56
CA ASP C 64 -26.49 -10.98 8.27
C ASP C 64 -25.50 -10.14 7.47
N VAL C 65 -25.03 -10.64 6.33
CA VAL C 65 -24.01 -9.91 5.60
C VAL C 65 -24.64 -8.68 4.92
N PRO C 66 -24.08 -7.50 5.17
CA PRO C 66 -24.67 -6.28 4.62
C PRO C 66 -24.60 -6.21 3.09
N THR C 67 -25.56 -5.50 2.52
CA THR C 67 -25.53 -5.11 1.12
C THR C 67 -25.22 -3.62 1.04
N THR C 68 -25.04 -3.10 -0.17
CA THR C 68 -24.76 -1.67 -0.35
C THR C 68 -26.01 -0.82 -0.15
N GLY C 69 -27.18 -1.42 -0.35
CA GLY C 69 -28.43 -0.70 -0.27
C GLY C 69 -29.07 -0.61 -1.65
N ASN C 70 -28.32 -0.03 -2.59
CA ASN C 70 -28.73 -0.02 -3.98
C ASN C 70 -28.61 -1.41 -4.60
N ASN C 71 -29.73 -2.07 -4.86
CA ASN C 71 -29.74 -3.41 -5.42
C ASN C 71 -29.26 -3.43 -6.88
N ASN C 72 -29.12 -2.25 -7.48
CA ASN C 72 -28.53 -2.14 -8.81
C ASN C 72 -27.06 -2.52 -8.76
N ASP C 73 -26.41 -2.28 -7.62
CA ASP C 73 -24.98 -2.54 -7.44
C ASP C 73 -24.65 -4.04 -7.46
N LEU C 74 -23.43 -4.31 -7.92
CA LEU C 74 -22.78 -5.58 -7.68
C LEU C 74 -22.69 -5.79 -6.17
N GLN C 75 -23.29 -6.86 -5.66
CA GLN C 75 -23.14 -7.21 -4.24
C GLN C 75 -22.16 -8.35 -4.14
N ASP C 76 -21.07 -8.14 -3.42
CA ASP C 76 -20.14 -9.23 -3.13
C ASP C 76 -20.90 -10.25 -2.30
N GLN C 77 -20.53 -11.53 -2.41
CA GLN C 77 -21.17 -12.55 -1.60
C GLN C 77 -20.22 -13.73 -1.32
N PHE C 78 -20.56 -14.55 -0.33
CA PHE C 78 -19.71 -15.65 0.09
C PHE C 78 -20.27 -17.02 -0.24
N ILE C 79 -21.56 -17.21 0.06
CA ILE C 79 -22.27 -18.45 -0.22
C ILE C 79 -23.69 -18.17 -0.72
N ALA C 80 -24.29 -19.16 -1.39
CA ALA C 80 -25.64 -19.02 -1.90
C ALA C 80 -26.68 -18.95 -0.78
N CYS C 81 -27.80 -18.29 -1.05
CA CYS C 81 -28.86 -18.09 -0.06
C CYS C 81 -29.40 -19.40 0.51
N ASP C 82 -29.34 -20.46 -0.28
CA ASP C 82 -29.88 -21.74 0.16
C ASP C 82 -28.79 -22.76 0.46
N ALA C 83 -27.56 -22.27 0.63
CA ALA C 83 -26.43 -23.12 0.97
C ALA C 83 -26.61 -23.80 2.34
N ASP C 84 -26.20 -25.05 2.43
CA ASP C 84 -26.25 -25.76 3.69
C ASP C 84 -25.13 -26.80 3.65
N TYR C 85 -24.13 -26.63 4.51
CA TYR C 85 -22.98 -27.52 4.48
C TYR C 85 -23.02 -28.55 5.62
N ARG C 86 -24.20 -28.75 6.18
CA ARG C 86 -24.36 -29.75 7.24
C ARG C 86 -24.69 -31.13 6.67
N LYS C 87 -23.97 -31.53 5.62
CA LYS C 87 -24.20 -32.81 4.96
C LYS C 87 -22.87 -33.52 4.73
N GLY C 88 -22.92 -34.82 4.49
CA GLY C 88 -21.72 -35.60 4.26
C GLY C 88 -21.02 -36.08 5.51
N ASP C 89 -19.94 -36.84 5.34
CA ASP C 89 -19.24 -37.40 6.48
C ASP C 89 -18.57 -36.30 7.28
N LEU C 90 -18.09 -35.27 6.60
CA LEU C 90 -17.56 -34.10 7.29
C LEU C 90 -18.56 -32.97 7.18
N SER C 91 -19.29 -32.77 8.27
CA SER C 91 -20.46 -31.91 8.23
C SER C 91 -20.19 -30.64 9.03
N TYR C 92 -20.41 -29.48 8.42
CA TYR C 92 -20.06 -28.21 9.05
C TYR C 92 -20.78 -28.06 10.40
N PHE C 93 -20.01 -27.67 11.41
CA PHE C 93 -20.54 -27.61 12.76
C PHE C 93 -20.46 -26.21 13.36
N GLY C 94 -19.90 -25.26 12.63
CA GLY C 94 -19.68 -23.92 13.17
C GLY C 94 -18.22 -23.53 13.23
N SER C 95 -17.96 -22.25 13.48
CA SER C 95 -16.59 -21.71 13.50
C SER C 95 -16.30 -20.90 14.76
N GLN C 96 -15.08 -21.02 15.29
CA GLN C 96 -14.64 -20.22 16.42
C GLN C 96 -13.73 -19.08 15.98
N PHE C 97 -14.17 -17.86 16.26
CA PHE C 97 -13.40 -16.66 16.00
C PHE C 97 -12.72 -16.17 17.27
N GLU C 98 -11.43 -15.88 17.20
CA GLU C 98 -10.73 -15.24 18.31
C GLU C 98 -10.32 -13.85 17.88
N PHE C 99 -10.46 -12.88 18.79
CA PHE C 99 -10.15 -11.49 18.45
C PHE C 99 -9.19 -10.85 19.44
N SER C 100 -8.65 -9.69 19.07
CA SER C 100 -8.00 -8.79 20.02
C SER C 100 -8.61 -7.40 19.84
N THR C 101 -8.68 -6.61 20.91
CA THR C 101 -9.24 -5.26 20.81
C THR C 101 -8.46 -4.40 19.80
N TYR C 102 -9.16 -3.48 19.17
CA TYR C 102 -8.59 -2.74 18.06
C TYR C 102 -9.30 -1.42 17.74
N VAL C 103 -8.51 -0.37 17.54
CA VAL C 103 -9.00 0.90 17.05
C VAL C 103 -8.61 1.09 15.58
N HIS C 104 -9.57 1.14 14.69
CA HIS C 104 -9.30 1.39 13.27
C HIS C 104 -9.27 2.90 13.02
N PRO C 105 -8.13 3.42 12.52
CA PRO C 105 -7.88 4.87 12.36
C PRO C 105 -8.96 5.62 11.59
N SER C 106 -9.67 4.93 10.71
CA SER C 106 -10.66 5.56 9.85
C SER C 106 -12.03 4.93 9.99
N ASN C 107 -12.20 4.03 10.96
CA ASN C 107 -13.52 3.46 11.15
C ASN C 107 -13.84 3.29 12.62
N PRO C 108 -14.68 4.19 13.15
CA PRO C 108 -15.02 4.19 14.57
C PRO C 108 -15.93 3.02 14.97
N GLU C 109 -16.61 2.41 14.01
CA GLU C 109 -17.47 1.28 14.31
C GLU C 109 -16.71 0.01 14.64
N ILE C 110 -15.43 -0.07 14.32
CA ILE C 110 -14.67 -1.30 14.58
C ILE C 110 -14.07 -1.28 15.99
N GLN C 111 -14.21 -2.41 16.69
CA GLN C 111 -13.74 -2.48 18.09
C GLN C 111 -12.75 -3.61 18.31
N ARG C 112 -12.73 -4.57 17.38
CA ARG C 112 -11.80 -5.67 17.49
C ARG C 112 -11.26 -6.11 16.14
N GLN C 113 -10.26 -6.97 16.22
CA GLN C 113 -9.48 -7.45 15.10
C GLN C 113 -9.45 -8.98 15.14
N ILE C 114 -9.65 -9.64 14.00
CA ILE C 114 -9.62 -11.11 14.01
C ILE C 114 -8.18 -11.62 14.16
N LYS C 115 -8.00 -12.57 15.08
CA LYS C 115 -6.68 -13.19 15.31
C LYS C 115 -6.66 -14.46 14.47
N GLN C 116 -7.74 -15.22 14.54
CA GLN C 116 -7.86 -16.47 13.79
C GLN C 116 -9.29 -16.99 13.80
N VAL C 117 -9.59 -17.86 12.85
CA VAL C 117 -10.87 -18.52 12.81
C VAL C 117 -10.61 -20.00 12.58
N VAL C 118 -11.28 -20.84 13.35
CA VAL C 118 -11.20 -22.29 13.19
C VAL C 118 -12.57 -22.76 12.77
N SER C 119 -12.65 -23.54 11.70
CA SER C 119 -13.94 -24.06 11.28
C SER C 119 -14.00 -25.56 11.56
N TYR C 120 -15.06 -25.98 12.24
CA TYR C 120 -15.23 -27.37 12.66
C TYR C 120 -16.19 -28.13 11.77
N PHE C 121 -15.76 -29.31 11.35
CA PHE C 121 -16.60 -30.19 10.57
C PHE C 121 -16.72 -31.51 11.36
N GLN C 122 -17.90 -31.78 11.90
CA GLN C 122 -18.08 -32.97 12.73
C GLN C 122 -18.11 -34.18 11.81
N TYR C 123 -17.56 -35.28 12.31
CA TYR C 123 -17.47 -36.50 11.56
C TYR C 123 -18.69 -37.39 11.80
N ARG C 124 -19.37 -37.78 10.73
CA ARG C 124 -20.63 -38.52 10.86
C ARG C 124 -20.48 -39.95 10.38
N GLY C 125 -19.27 -40.35 9.99
CA GLY C 125 -19.00 -41.75 9.70
C GLY C 125 -19.24 -42.59 10.96
N MET C 126 -19.44 -43.90 10.81
CA MET C 126 -19.78 -44.72 11.97
C MET C 126 -18.55 -45.34 12.66
N GLU C 127 -17.42 -45.44 11.96
CA GLU C 127 -16.18 -45.77 12.66
C GLU C 127 -15.27 -44.53 12.76
N ARG C 128 -15.13 -44.04 13.98
CA ARG C 128 -14.37 -42.82 14.30
C ARG C 128 -12.94 -42.84 13.78
N ALA C 129 -12.31 -44.00 13.85
CA ALA C 129 -10.91 -44.13 13.44
C ALA C 129 -10.67 -43.71 11.98
N PHE C 130 -11.72 -43.63 11.18
CA PHE C 130 -11.54 -43.33 9.75
C PHE C 130 -11.69 -41.85 9.43
N ILE C 131 -11.71 -41.00 10.45
CA ILE C 131 -11.73 -39.56 10.21
C ILE C 131 -10.39 -39.10 9.61
N GLY C 132 -9.31 -39.81 9.95
CA GLY C 132 -8.00 -39.52 9.40
C GLY C 132 -8.03 -39.64 7.88
N ASP C 133 -8.70 -40.68 7.40
CA ASP C 133 -8.88 -40.89 5.97
C ASP C 133 -9.68 -39.76 5.32
N ALA C 134 -10.82 -39.39 5.90
CA ALA C 134 -11.60 -38.27 5.39
C ALA C 134 -10.77 -36.99 5.37
N ALA C 135 -9.99 -36.78 6.42
CA ALA C 135 -9.22 -35.56 6.57
C ALA C 135 -8.14 -35.43 5.50
N GLY C 136 -7.65 -36.56 4.99
CA GLY C 136 -6.64 -36.56 3.94
C GLY C 136 -7.17 -35.99 2.64
N TYR C 137 -8.43 -36.28 2.34
CA TYR C 137 -9.08 -35.71 1.17
C TYR C 137 -9.24 -34.21 1.30
N VAL C 138 -9.50 -33.75 2.53
CA VAL C 138 -9.64 -32.34 2.80
C VAL C 138 -8.32 -31.63 2.52
N ILE C 139 -7.24 -32.18 3.06
CA ILE C 139 -5.92 -31.60 2.86
C ILE C 139 -5.58 -31.56 1.36
N SER C 140 -5.97 -32.62 0.65
CA SER C 140 -5.76 -32.68 -0.79
C SER C 140 -6.54 -31.56 -1.52
N GLU C 141 -7.81 -31.37 -1.16
CA GLU C 141 -8.59 -30.31 -1.77
C GLU C 141 -8.00 -28.95 -1.44
N ALA C 142 -7.39 -28.84 -0.26
CA ALA C 142 -6.76 -27.59 0.14
C ALA C 142 -5.54 -27.25 -0.74
N LYS C 143 -4.65 -28.21 -0.97
CA LYS C 143 -3.47 -27.96 -1.79
C LYS C 143 -3.89 -27.49 -3.19
N LYS C 144 -4.99 -28.03 -3.72
CA LYS C 144 -5.47 -27.69 -5.06
C LYS C 144 -5.89 -26.24 -5.18
N LYS C 145 -6.25 -25.63 -4.06
CA LYS C 145 -6.75 -24.26 -4.05
C LYS C 145 -5.69 -23.33 -3.48
N GLY C 146 -4.46 -23.79 -3.41
CA GLY C 146 -3.36 -22.94 -2.95
C GLY C 146 -3.21 -22.82 -1.44
N PHE C 147 -3.97 -23.62 -0.70
CA PHE C 147 -3.88 -23.54 0.76
C PHE C 147 -2.80 -24.48 1.29
N SER C 148 -2.27 -24.15 2.45
CA SER C 148 -1.24 -24.97 3.07
C SER C 148 -1.76 -26.36 3.42
N ALA C 149 -0.85 -27.34 3.49
CA ALA C 149 -1.20 -28.68 3.92
C ALA C 149 -0.88 -28.89 5.39
N GLN C 150 -0.44 -27.85 6.07
CA GLN C 150 0.02 -28.00 7.45
C GLN C 150 -1.05 -27.58 8.45
N ASP C 151 -0.87 -28.00 9.71
CA ASP C 151 -1.66 -27.53 10.84
C ASP C 151 -3.13 -27.97 10.85
N TYR C 152 -3.42 -29.12 10.26
CA TYR C 152 -4.77 -29.67 10.37
C TYR C 152 -4.84 -30.48 11.66
N ARG C 153 -5.98 -30.39 12.34
CA ARG C 153 -6.14 -31.02 13.65
C ARG C 153 -7.45 -31.77 13.79
N ILE C 154 -7.39 -32.88 14.51
CA ILE C 154 -8.56 -33.64 14.83
C ILE C 154 -8.88 -33.36 16.31
N VAL C 155 -10.13 -32.92 16.57
CA VAL C 155 -10.49 -32.43 17.90
C VAL C 155 -11.73 -33.09 18.46
N LEU C 156 -11.88 -32.92 19.76
CA LEU C 156 -13.12 -33.27 20.39
C LEU C 156 -13.62 -31.98 20.98
N ILE C 157 -14.87 -31.63 20.70
CA ILE C 157 -15.45 -30.37 21.19
C ILE C 157 -16.71 -30.63 22.00
N GLU C 158 -17.02 -29.70 22.90
CA GLU C 158 -18.15 -29.80 23.83
C GLU C 158 -18.77 -28.44 23.90
N PRO C 159 -20.07 -28.39 24.23
CA PRO C 159 -20.83 -27.15 24.35
C PRO C 159 -20.64 -26.41 25.67
N ASP C 160 -20.53 -25.09 25.61
CA ASP C 160 -20.78 -24.27 26.79
C ASP C 160 -21.66 -23.15 26.28
N ARG C 161 -21.97 -22.20 27.16
CA ARG C 161 -22.96 -21.19 26.88
C ARG C 161 -22.63 -20.30 25.69
N VAL C 162 -21.35 -20.14 25.34
CA VAL C 162 -21.02 -19.27 24.23
C VAL C 162 -20.60 -20.02 22.97
N GLY C 163 -20.68 -21.33 22.97
CA GLY C 163 -20.38 -22.06 21.76
C GLY C 163 -19.80 -23.44 22.04
N TYR C 164 -18.90 -23.89 21.17
CA TYR C 164 -18.22 -25.14 21.40
C TYR C 164 -16.75 -24.88 21.67
N PHE C 165 -16.15 -25.63 22.61
CA PHE C 165 -14.73 -25.49 22.88
C PHE C 165 -14.06 -26.85 22.74
N GLU C 166 -12.77 -26.83 22.48
CA GLU C 166 -11.99 -28.05 22.36
C GLU C 166 -11.57 -28.56 23.72
N SER C 167 -11.80 -29.84 23.96
CA SER C 167 -11.35 -30.41 25.21
C SER C 167 -10.12 -31.28 24.97
N ASN C 168 -9.98 -31.75 23.73
CA ASN C 168 -8.85 -32.58 23.31
C ASN C 168 -8.51 -32.32 21.85
N ALA C 169 -7.24 -32.46 21.52
CA ALA C 169 -6.78 -32.23 20.15
C ALA C 169 -5.57 -33.12 19.82
N ILE C 170 -5.48 -33.55 18.56
CA ILE C 170 -4.29 -34.23 18.07
C ILE C 170 -4.02 -33.76 16.63
N SER C 171 -2.75 -33.60 16.26
CA SER C 171 -2.42 -33.19 14.89
C SER C 171 -2.82 -34.29 13.93
N TYR C 172 -3.20 -33.89 12.73
CA TYR C 172 -3.48 -34.87 11.68
C TYR C 172 -2.30 -35.86 11.54
N GLU C 173 -1.09 -35.33 11.54
CA GLU C 173 0.10 -36.15 11.35
C GLU C 173 0.23 -37.21 12.44
N GLU C 174 0.11 -36.80 13.70
CA GLU C 174 0.17 -37.78 14.78
C GLU C 174 -1.01 -38.76 14.76
N PHE C 175 -2.18 -38.30 14.34
CA PHE C 175 -3.31 -39.22 14.26
C PHE C 175 -2.98 -40.33 13.27
N ILE C 176 -2.28 -39.97 12.21
CA ILE C 176 -1.96 -40.90 11.14
C ILE C 176 -0.82 -41.84 11.52
N GLU C 177 0.28 -41.28 12.02
CA GLU C 177 1.53 -42.03 12.15
C GLU C 177 1.77 -42.63 13.53
N ASN C 178 1.16 -42.07 14.56
CA ASN C 178 1.40 -42.50 15.93
C ASN C 178 0.19 -43.23 16.48
N PRO C 179 0.11 -44.55 16.27
CA PRO C 179 -1.10 -45.27 16.68
C PRO C 179 -1.37 -45.19 18.18
N SER C 180 -0.32 -45.07 18.98
CA SER C 180 -0.48 -44.93 20.42
C SER C 180 -1.20 -43.62 20.80
N ALA C 181 -0.74 -42.51 20.22
CA ALA C 181 -1.37 -41.22 20.45
C ALA C 181 -2.79 -41.22 19.87
N ARG C 182 -2.98 -41.87 18.73
CA ARG C 182 -4.30 -41.89 18.10
C ARG C 182 -5.30 -42.59 19.02
N GLU C 183 -4.91 -43.74 19.55
CA GLU C 183 -5.86 -44.54 20.34
C GLU C 183 -6.07 -43.95 21.73
N ASN C 184 -5.11 -43.15 22.21
CA ASN C 184 -5.27 -42.41 23.45
C ASN C 184 -6.23 -41.23 23.27
N PHE C 185 -6.19 -40.61 22.11
CA PHE C 185 -7.08 -39.51 21.83
C PHE C 185 -8.51 -40.04 21.69
N LEU C 186 -8.67 -41.12 20.94
CA LEU C 186 -10.00 -41.67 20.68
C LEU C 186 -10.67 -42.21 21.93
N LEU C 187 -9.84 -42.61 22.88
CA LEU C 187 -10.33 -43.11 24.17
C LEU C 187 -11.16 -42.04 24.92
N LYS C 188 -10.84 -40.77 24.70
CA LYS C 188 -11.56 -39.66 25.37
C LYS C 188 -12.78 -39.23 24.58
N ALA C 189 -13.08 -39.91 23.50
CA ALA C 189 -14.22 -39.54 22.66
C ALA C 189 -15.52 -40.14 23.22
N THR C 190 -15.98 -39.55 24.32
CA THR C 190 -17.19 -40.02 25.02
C THR C 190 -18.48 -39.59 24.30
N LYS C 191 -19.61 -40.10 24.75
CA LYS C 191 -20.88 -39.88 24.02
C LYS C 191 -21.23 -38.40 23.99
N ASP C 192 -20.70 -37.64 24.95
CA ASP C 192 -21.04 -36.22 25.09
C ASP C 192 -20.12 -35.27 24.33
N ARG C 193 -19.14 -35.79 23.63
CA ARG C 193 -18.19 -34.95 22.88
C ARG C 193 -18.41 -35.16 21.39
N THR C 194 -18.14 -34.13 20.61
CA THR C 194 -18.28 -34.25 19.17
C THR C 194 -16.89 -34.38 18.54
N LEU C 195 -16.69 -35.45 17.77
CA LEU C 195 -15.44 -35.67 17.04
C LEU C 195 -15.44 -34.82 15.77
N ALA C 196 -14.40 -34.00 15.56
CA ALA C 196 -14.43 -33.11 14.41
C ALA C 196 -13.05 -32.85 13.79
N LEU C 197 -13.06 -32.51 12.51
CA LEU C 197 -11.88 -31.93 11.87
C LEU C 197 -11.90 -30.44 12.07
N ALA C 198 -10.81 -29.90 12.61
CA ALA C 198 -10.68 -28.47 12.81
C ALA C 198 -9.87 -27.87 11.66
N VAL C 199 -10.49 -27.00 10.86
CA VAL C 199 -9.80 -26.40 9.73
C VAL C 199 -9.42 -24.96 10.01
N SER C 200 -8.13 -24.64 9.98
CA SER C 200 -7.77 -23.22 9.93
C SER C 200 -6.84 -23.01 8.74
N LEU C 201 -7.44 -22.53 7.66
CA LEU C 201 -6.76 -22.40 6.38
C LEU C 201 -5.60 -21.42 6.47
N ALA C 202 -4.46 -21.81 5.92
CA ALA C 202 -3.37 -20.87 5.73
C ALA C 202 -3.03 -20.81 4.23
N GLN C 203 -2.80 -19.61 3.72
CA GLN C 203 -2.53 -19.42 2.28
C GLN C 203 -1.04 -19.52 1.97
N THR C 204 -0.69 -20.33 0.99
CA THR C 204 0.69 -20.37 0.47
C THR C 204 1.05 -19.04 -0.22
N GLY C 205 2.34 -18.82 -0.43
CA GLY C 205 2.82 -17.63 -1.13
C GLY C 205 2.39 -17.52 -2.57
N GLU C 206 1.93 -18.62 -3.16
CA GLU C 206 1.50 -18.62 -4.56
C GLU C 206 0.04 -18.19 -4.76
N ILE C 207 -0.71 -18.03 -3.69
CA ILE C 207 -2.09 -17.58 -3.82
C ILE C 207 -2.14 -16.23 -4.56
N ALA C 208 -3.07 -16.07 -5.49
CA ALA C 208 -3.31 -14.79 -6.15
C ALA C 208 -3.92 -13.76 -5.20
N MET C 209 -3.48 -12.51 -5.36
CA MET C 209 -4.06 -11.36 -4.63
C MET C 209 -5.44 -11.12 -5.24
N GLN C 210 -6.44 -10.80 -4.39
CA GLN C 210 -7.81 -10.63 -4.85
C GLN C 210 -8.26 -9.21 -4.65
N ARG C 211 -9.20 -8.78 -5.49
CA ARG C 211 -9.63 -7.39 -5.50
C ARG C 211 -10.43 -6.95 -4.26
N ASP C 212 -10.81 -7.88 -3.39
CA ASP C 212 -11.48 -7.48 -2.16
C ASP C 212 -10.46 -7.19 -1.05
N GLY C 213 -9.20 -7.44 -1.34
CA GLY C 213 -8.14 -7.18 -0.38
C GLY C 213 -7.98 -8.24 0.70
N SER C 214 -8.72 -9.34 0.59
CA SER C 214 -8.75 -10.34 1.64
C SER C 214 -7.48 -11.21 1.71
N VAL C 215 -6.62 -11.11 0.70
CA VAL C 215 -5.33 -11.83 0.76
C VAL C 215 -4.23 -10.83 1.11
N ALA C 216 -3.51 -11.10 2.20
CA ALA C 216 -2.46 -10.21 2.66
C ALA C 216 -1.15 -10.64 2.04
N PHE C 217 -0.23 -9.69 1.88
CA PHE C 217 1.15 -10.00 1.51
C PHE C 217 1.84 -10.76 2.65
N LEU C 218 2.62 -11.77 2.32
CA LEU C 218 3.49 -12.44 3.30
C LEU C 218 4.36 -11.42 4.05
N GLU C 219 4.72 -11.75 5.28
CA GLU C 219 5.68 -10.96 6.05
C GLU C 219 7.01 -10.87 5.31
N ASP C 220 7.53 -9.64 5.20
CA ASP C 220 8.78 -9.31 4.50
C ASP C 220 8.67 -9.35 2.98
N SER C 221 7.46 -9.55 2.45
CA SER C 221 7.22 -9.45 1.01
C SER C 221 7.07 -8.01 0.57
N GLU C 222 7.36 -7.75 -0.71
CA GLU C 222 7.25 -6.39 -1.21
C GLU C 222 6.30 -6.26 -2.38
N LEU C 223 5.78 -5.06 -2.55
CA LEU C 223 4.95 -4.69 -3.67
C LEU C 223 5.86 -3.99 -4.69
N CYS C 224 6.02 -4.61 -5.85
CA CYS C 224 7.05 -4.20 -6.81
C CYS C 224 6.48 -3.79 -8.16
N TRP C 225 7.18 -2.88 -8.84
CA TRP C 225 6.84 -2.47 -10.21
C TRP C 225 8.06 -2.72 -11.10
N ASP C 226 7.85 -3.27 -12.29
CA ASP C 226 8.82 -3.14 -13.38
C ASP C 226 8.90 -1.65 -13.73
N THR C 227 10.09 -1.14 -14.03
CA THR C 227 10.25 0.25 -14.49
C THR C 227 11.24 0.36 -15.67
N ALA C 228 11.20 1.49 -16.36
CA ALA C 228 12.09 1.77 -17.49
C ALA C 228 13.57 1.86 -17.08
N ALA C 229 13.85 1.87 -15.78
CA ALA C 229 15.23 1.88 -15.28
C ALA C 229 16.01 0.65 -15.71
N GLY C 230 15.29 -0.35 -16.18
CA GLY C 230 15.92 -1.60 -16.58
C GLY C 230 15.38 -2.79 -15.81
N SER C 231 16.29 -3.70 -15.48
CA SER C 231 15.91 -5.00 -14.94
C SER C 231 15.63 -4.95 -13.43
N ALA C 232 16.12 -3.94 -12.74
CA ALA C 232 15.88 -3.84 -11.30
C ALA C 232 14.46 -3.37 -11.00
N LYS C 233 13.79 -4.07 -10.09
CA LYS C 233 12.44 -3.72 -9.67
C LYS C 233 12.46 -2.54 -8.72
N SER C 234 11.34 -1.83 -8.62
CA SER C 234 11.17 -0.74 -7.68
C SER C 234 10.09 -1.14 -6.67
N CYS C 235 10.46 -1.29 -5.40
CA CYS C 235 9.56 -1.92 -4.43
C CYS C 235 9.28 -1.08 -3.18
N LEU C 236 8.11 -1.29 -2.60
CA LEU C 236 7.79 -0.78 -1.27
C LEU C 236 7.34 -1.95 -0.40
N SER C 237 7.47 -1.79 0.92
CA SER C 237 7.09 -2.84 1.84
C SER C 237 6.62 -2.29 3.20
N VAL C 238 5.83 -3.09 3.91
CA VAL C 238 5.44 -2.80 5.29
C VAL C 238 6.09 -3.84 6.21
N ARG C 239 6.84 -3.37 7.18
CA ARG C 239 7.58 -4.27 8.05
C ARG C 239 7.40 -3.87 9.50
N TYR C 240 7.57 -4.84 10.40
CA TYR C 240 7.47 -4.56 11.83
C TYR C 240 8.81 -4.75 12.48
N ASP C 241 9.33 -3.69 13.08
CA ASP C 241 10.61 -3.76 13.77
C ASP C 241 10.40 -4.24 15.20
N THR C 242 10.89 -5.44 15.52
CA THR C 242 10.68 -6.00 16.86
C THR C 242 11.50 -5.24 17.92
N VAL C 243 12.51 -4.49 17.50
CA VAL C 243 13.30 -3.71 18.44
C VAL C 243 12.54 -2.47 18.94
N GLY C 244 12.17 -1.58 18.04
CA GLY C 244 11.40 -0.41 18.42
C GLY C 244 9.92 -0.68 18.61
N ASN C 245 9.45 -1.83 18.13
CA ASN C 245 8.03 -2.20 18.13
C ASN C 245 7.15 -1.21 17.36
N LYS C 246 7.63 -0.83 16.17
CA LYS C 246 6.92 0.07 15.28
C LYS C 246 6.82 -0.54 13.88
N THR C 247 5.73 -0.26 13.17
CA THR C 247 5.69 -0.64 11.77
C THR C 247 6.28 0.49 10.92
N GLU C 248 6.81 0.13 9.75
CA GLU C 248 7.33 1.12 8.81
C GLU C 248 6.83 0.81 7.41
N LEU C 249 6.40 1.84 6.69
CA LEU C 249 6.14 1.71 5.26
C LEU C 249 7.40 2.21 4.59
N ASP C 250 8.22 1.27 4.13
CA ASP C 250 9.50 1.59 3.54
C ASP C 250 9.31 1.92 2.05
N LEU C 251 9.48 3.21 1.74
CA LEU C 251 9.40 3.75 0.38
C LEU C 251 10.75 4.24 -0.16
N LYS C 252 11.82 3.95 0.56
CA LYS C 252 13.14 4.51 0.23
C LYS C 252 13.77 3.94 -1.06
N GLN C 253 13.34 2.77 -1.49
CA GLN C 253 13.85 2.18 -2.74
C GLN C 253 13.36 2.94 -3.97
N ILE C 254 12.38 3.83 -3.76
CA ILE C 254 11.89 4.77 -4.75
C ILE C 254 12.55 6.12 -4.52
N ASP C 255 13.02 6.80 -5.56
CA ASP C 255 13.79 8.02 -5.36
C ASP C 255 12.96 9.19 -4.82
N VAL C 256 11.74 9.37 -5.34
CA VAL C 256 10.90 10.47 -4.88
C VAL C 256 9.46 9.99 -4.67
N VAL C 257 8.91 10.25 -3.49
CA VAL C 257 7.47 10.04 -3.27
C VAL C 257 6.77 11.36 -3.59
N SER C 258 5.95 11.36 -4.62
CA SER C 258 5.35 12.61 -5.08
C SER C 258 3.85 12.69 -4.76
N ALA C 259 3.49 13.53 -3.80
CA ALA C 259 2.10 13.63 -3.36
C ALA C 259 1.43 14.91 -3.81
N LYS C 260 0.09 14.93 -3.72
CA LYS C 260 -0.63 16.18 -3.82
C LYS C 260 -0.75 16.75 -2.40
N GLY C 261 -1.94 16.71 -1.81
CA GLY C 261 -2.07 17.04 -0.40
C GLY C 261 -1.35 16.03 0.48
N LEU C 262 -0.79 16.50 1.59
CA LEU C 262 -0.05 15.63 2.50
C LEU C 262 -0.29 16.01 3.96
N SER C 263 -0.61 15.01 4.80
CA SER C 263 -0.73 15.25 6.25
C SER C 263 -0.10 14.13 7.04
N PHE C 264 0.27 14.46 8.28
CA PHE C 264 1.00 13.55 9.15
C PHE C 264 0.68 13.88 10.60
N GLU C 265 1.11 13.04 11.50
CA GLU C 265 0.78 13.24 12.91
C GLU C 265 1.99 13.57 13.75
N SER C 266 1.82 14.53 14.65
CA SER C 266 2.83 14.87 15.63
C SER C 266 2.22 14.84 17.02
N ASP C 267 2.62 13.85 17.81
CA ASP C 267 2.07 13.69 19.17
C ASP C 267 0.53 13.74 19.14
N GLY C 268 -0.06 12.84 18.37
CA GLY C 268 -1.51 12.78 18.24
C GLY C 268 -2.20 13.86 17.41
N LYS C 269 -1.52 14.95 17.08
CA LYS C 269 -2.15 16.00 16.27
C LYS C 269 -1.82 15.89 14.77
N THR C 270 -2.84 16.12 13.95
CA THR C 270 -2.69 16.13 12.50
C THR C 270 -2.18 17.47 11.95
N LYS C 271 -1.04 17.45 11.25
CA LYS C 271 -0.48 18.65 10.60
C LYS C 271 -0.37 18.52 9.07
N THR C 272 -0.26 19.65 8.39
CA THR C 272 0.28 19.68 7.02
C THR C 272 1.70 20.29 7.13
N PRO C 273 2.54 20.09 6.10
CA PRO C 273 3.92 20.63 6.17
C PRO C 273 3.97 22.16 6.15
N VAL C 274 4.94 22.76 6.83
CA VAL C 274 4.97 24.22 6.86
C VAL C 274 5.45 24.68 5.49
N VAL C 275 4.88 25.78 5.02
CA VAL C 275 5.24 26.40 3.76
C VAL C 275 5.49 27.87 4.04
N SER C 276 6.45 28.45 3.33
CA SER C 276 6.92 29.77 3.70
C SER C 276 7.02 30.69 2.51
N THR C 277 6.81 31.98 2.77
CA THR C 277 7.07 33.00 1.80
C THR C 277 7.93 34.08 2.42
N TYR C 278 8.69 34.77 1.58
CA TYR C 278 9.47 35.94 1.96
C TYR C 278 8.60 37.19 1.79
N GLU C 279 8.41 37.96 2.86
CA GLU C 279 7.47 39.09 2.79
C GLU C 279 8.06 40.45 3.18
N THR C 280 7.63 41.49 2.47
CA THR C 280 7.92 42.89 2.83
C THR C 280 6.67 43.70 2.63
N PHE C 281 6.55 44.82 3.33
CA PHE C 281 5.44 45.76 3.15
C PHE C 281 5.72 46.65 1.95
N GLN C 282 4.69 46.91 1.16
CA GLN C 282 4.83 47.81 0.02
C GLN C 282 4.71 49.25 0.48
N ASP C 283 5.14 50.16 -0.37
CA ASP C 283 5.20 51.57 -0.01
C ASP C 283 3.85 52.10 0.51
N GLY C 284 3.90 52.99 1.49
CA GLY C 284 2.67 53.61 1.97
C GLY C 284 2.23 53.38 3.41
N GLY C 285 2.82 52.42 4.11
CA GLY C 285 2.58 52.24 5.53
C GLY C 285 1.28 51.56 5.93
N ARG C 286 0.71 50.79 5.01
CA ARG C 286 -0.59 50.15 5.26
C ARG C 286 -0.47 48.64 5.47
N ALA C 287 -1.54 48.05 5.98
CA ALA C 287 -1.57 46.61 6.31
C ALA C 287 -1.37 45.77 5.06
N LYS C 288 -0.81 44.58 5.23
CA LYS C 288 -0.56 43.68 4.10
C LYS C 288 -1.50 42.49 4.19
N THR C 289 -1.87 41.94 3.04
CA THR C 289 -2.79 40.78 3.05
C THR C 289 -2.06 39.58 2.48
N ILE C 290 -2.16 38.44 3.14
CA ILE C 290 -1.57 37.23 2.63
C ILE C 290 -2.64 36.14 2.59
N ASN C 291 -2.85 35.56 1.41
CA ASN C 291 -3.86 34.52 1.25
C ASN C 291 -3.55 33.30 2.12
N ALA C 292 -4.57 32.78 2.80
CA ALA C 292 -4.42 31.58 3.60
C ALA C 292 -4.37 30.36 2.68
N ILE C 293 -3.50 29.40 3.02
CA ILE C 293 -3.46 28.15 2.29
C ILE C 293 -4.78 27.41 2.49
N GLU C 294 -5.16 26.60 1.52
CA GLU C 294 -6.36 25.80 1.62
C GLU C 294 -6.10 24.57 2.47
N CYS C 295 -6.88 24.39 3.52
CA CYS C 295 -6.61 23.31 4.45
C CYS C 295 -7.46 22.10 4.10
N PRO C 296 -6.87 20.91 4.20
CA PRO C 296 -7.66 19.68 4.07
C PRO C 296 -8.85 19.69 5.02
N THR C 297 -9.84 18.85 4.73
CA THR C 297 -11.04 18.77 5.54
C THR C 297 -10.70 18.51 6.99
N GLY C 298 -11.27 19.32 7.88
CA GLY C 298 -11.10 19.12 9.32
C GLY C 298 -9.91 19.82 9.95
N LEU C 299 -9.08 20.45 9.13
CA LEU C 299 -7.89 21.12 9.67
C LEU C 299 -8.09 22.64 9.68
N ASN C 300 -7.42 23.32 10.59
CA ASN C 300 -7.53 24.78 10.69
C ASN C 300 -6.24 25.47 10.31
N ASN C 301 -6.36 26.66 9.73
CA ASN C 301 -5.24 27.51 9.31
C ASN C 301 -4.39 28.02 10.47
N ARG C 302 -3.08 27.95 10.32
CA ARG C 302 -2.13 28.58 11.25
C ARG C 302 -1.11 29.43 10.48
N PHE C 303 -0.53 30.39 11.19
CA PHE C 303 0.36 31.38 10.61
C PHE C 303 1.35 31.81 11.69
N ALA C 304 2.60 32.04 11.29
CA ALA C 304 3.60 32.62 12.17
C ALA C 304 4.56 33.41 11.31
N ALA C 305 4.89 34.62 11.75
CA ALA C 305 5.83 35.49 11.04
C ALA C 305 7.05 35.70 11.92
N VAL C 306 8.24 35.59 11.33
CA VAL C 306 9.51 35.71 12.05
C VAL C 306 10.42 36.73 11.37
N VAL C 307 11.20 37.46 12.17
CA VAL C 307 12.03 38.56 11.70
C VAL C 307 13.21 38.01 10.87
N SER C 308 13.45 38.59 9.71
CA SER C 308 14.62 38.22 8.91
C SER C 308 15.63 39.37 8.87
N SER C 309 15.22 40.50 8.30
CA SER C 309 16.04 41.71 8.29
C SER C 309 15.21 42.87 8.80
N PHE C 310 15.87 43.90 9.33
CA PHE C 310 15.15 45.10 9.73
C PHE C 310 16.08 46.26 9.96
N SER C 311 15.57 47.47 9.77
CA SER C 311 16.32 48.61 10.26
C SER C 311 15.31 49.67 10.66
N THR C 312 15.79 50.80 11.18
CA THR C 312 14.92 51.89 11.58
C THR C 312 14.68 52.92 10.45
N ALA C 313 14.93 52.52 9.20
CA ALA C 313 14.74 53.43 8.05
C ALA C 313 13.26 53.75 7.80
N GLY C 314 12.38 52.81 8.11
CA GLY C 314 10.96 53.05 8.00
C GLY C 314 10.51 52.99 6.55
N GLN C 315 10.00 54.11 6.03
CA GLN C 315 9.65 54.18 4.62
C GLN C 315 10.87 54.29 3.69
N ASN C 316 12.03 54.67 4.22
CA ASN C 316 13.17 54.93 3.34
C ASN C 316 14.02 53.71 3.13
N ALA C 317 13.45 52.71 2.45
CA ALA C 317 14.13 51.44 2.29
C ALA C 317 13.43 50.58 1.27
N ASN C 318 14.17 49.58 0.80
CA ASN C 318 13.63 48.53 -0.05
C ASN C 318 14.30 47.23 0.36
N PHE C 319 13.52 46.31 0.94
CA PHE C 319 14.08 45.06 1.45
C PHE C 319 13.57 43.89 0.62
N SER C 320 12.84 44.19 -0.44
CA SER C 320 12.16 43.16 -1.23
C SER C 320 13.11 42.14 -1.90
N SER C 321 14.37 42.48 -2.10
CA SER C 321 15.31 41.50 -2.63
C SER C 321 15.95 40.65 -1.51
N GLU C 322 16.08 39.35 -1.74
CA GLU C 322 16.66 38.45 -0.74
C GLU C 322 18.20 38.55 -0.65
N SER C 323 18.81 39.26 -1.59
CA SER C 323 20.27 39.28 -1.67
C SER C 323 20.85 40.65 -1.39
N ALA C 324 19.99 41.66 -1.32
CA ALA C 324 20.45 43.00 -0.99
C ALA C 324 19.39 43.81 -0.26
N LYS C 325 19.83 44.75 0.56
CA LYS C 325 18.92 45.65 1.27
C LYS C 325 19.30 47.10 0.96
N ASP C 326 18.32 47.89 0.56
CA ASP C 326 18.52 49.33 0.51
C ASP C 326 17.91 49.93 1.76
N SER C 327 18.74 50.64 2.52
CA SER C 327 18.32 51.26 3.77
C SER C 327 18.92 52.65 3.88
N GLN C 328 18.09 53.68 3.86
CA GLN C 328 18.61 55.05 3.74
C GLN C 328 18.39 55.98 4.93
N GLY C 329 18.31 55.41 6.13
CA GLY C 329 18.18 56.20 7.33
C GLY C 329 16.78 56.68 7.69
N THR C 330 16.66 57.16 8.91
CA THR C 330 15.40 57.59 9.48
C THR C 330 15.07 59.01 9.05
N THR C 331 13.80 59.22 8.73
CA THR C 331 13.28 60.54 8.42
C THR C 331 13.43 61.46 9.62
N GLN C 332 14.12 62.59 9.41
CA GLN C 332 14.36 63.57 10.47
C GLN C 332 13.20 64.53 10.61
N LYS C 333 13.37 65.56 11.43
CA LYS C 333 12.28 66.49 11.71
C LYS C 333 11.99 67.41 10.53
N ASP C 334 13.00 67.75 9.74
CA ASP C 334 12.77 68.60 8.57
C ASP C 334 12.19 67.78 7.41
N GLY C 335 12.19 66.46 7.51
CA GLY C 335 11.60 65.61 6.48
C GLY C 335 12.61 64.91 5.60
N SER C 336 13.88 65.24 5.80
CA SER C 336 14.97 64.63 5.04
C SER C 336 15.40 63.32 5.70
N LYS C 337 16.05 62.46 4.93
CA LYS C 337 16.57 61.22 5.47
C LYS C 337 17.82 61.52 6.29
N GLY C 338 17.89 60.95 7.50
CA GLY C 338 19.02 61.19 8.37
C GLY C 338 19.75 59.91 8.72
N PRO C 339 20.50 59.93 9.82
CA PRO C 339 21.12 58.65 10.24
C PRO C 339 20.05 57.65 10.71
N HIS C 340 20.44 56.39 10.84
CA HIS C 340 19.50 55.40 11.35
C HIS C 340 19.29 55.64 12.85
N ALA C 341 18.03 55.80 13.24
CA ALA C 341 17.69 55.93 14.65
C ALA C 341 17.93 54.60 15.38
N LEU C 342 18.02 54.68 16.70
CA LEU C 342 18.15 53.51 17.56
C LEU C 342 16.77 52.88 17.86
N LEU C 343 16.78 51.57 18.08
CA LEU C 343 15.54 50.77 18.12
C LEU C 343 15.12 50.33 19.55
N SER C 344 13.81 50.29 19.82
CA SER C 344 13.31 49.77 21.09
C SER C 344 12.53 48.44 20.94
N GLY C 345 11.95 48.20 19.77
CA GLY C 345 11.16 47.00 19.61
C GLY C 345 10.63 46.78 18.21
N ILE C 346 10.14 45.56 17.97
CA ILE C 346 9.46 45.20 16.73
C ILE C 346 8.20 44.40 17.05
N SER C 347 7.07 44.83 16.49
CA SER C 347 5.83 44.05 16.59
C SER C 347 5.38 43.51 15.22
N LEU C 348 5.17 42.20 15.13
CA LEU C 348 4.49 41.58 13.98
C LEU C 348 3.15 41.04 14.47
N ASN C 349 2.05 41.46 13.84
CA ASN C 349 0.72 41.04 14.26
C ASN C 349 -0.05 40.43 13.11
N TRP C 350 -0.85 39.40 13.40
CA TRP C 350 -1.63 38.82 12.33
C TRP C 350 -3.00 38.31 12.80
N THR C 351 -3.97 38.44 11.90
CA THR C 351 -5.37 38.07 12.09
C THR C 351 -5.94 37.41 10.85
N LEU C 352 -6.64 36.29 11.02
CA LEU C 352 -7.26 35.61 9.90
C LEU C 352 -8.70 36.09 9.69
N THR C 353 -8.99 36.55 8.48
CA THR C 353 -10.34 36.95 8.11
C THR C 353 -10.71 36.45 6.72
N ASN C 354 -11.71 35.58 6.63
CA ASN C 354 -12.20 35.10 5.32
C ASN C 354 -11.06 34.59 4.44
N LYS C 355 -10.28 33.64 4.94
CA LYS C 355 -9.20 33.04 4.15
C LYS C 355 -8.09 34.04 3.80
N VAL C 356 -8.09 35.20 4.43
CA VAL C 356 -7.00 36.15 4.27
C VAL C 356 -6.37 36.45 5.62
N TRP C 357 -5.04 36.37 5.69
CA TRP C 357 -4.31 36.85 6.87
C TRP C 357 -3.98 38.33 6.70
N ASP C 358 -4.44 39.14 7.66
CA ASP C 358 -4.09 40.55 7.72
C ASP C 358 -2.85 40.75 8.59
N VAL C 359 -1.77 41.18 7.96
CA VAL C 359 -0.51 41.34 8.67
C VAL C 359 -0.19 42.81 8.87
N THR C 360 0.06 43.20 10.10
CA THR C 360 0.52 44.56 10.39
C THR C 360 1.83 44.46 11.13
N ALA C 361 2.63 45.52 11.05
CA ALA C 361 3.88 45.54 11.79
C ALA C 361 4.24 46.96 12.19
N SER C 362 5.12 47.08 13.17
CA SER C 362 5.65 48.39 13.52
C SER C 362 7.01 48.28 14.20
N ILE C 363 7.76 49.36 14.15
CA ILE C 363 9.06 49.38 14.78
C ILE C 363 9.10 50.56 15.71
N GLY C 364 9.25 50.30 17.01
CA GLY C 364 9.46 51.36 17.99
C GLY C 364 10.90 51.85 17.98
N ILE C 365 11.09 53.16 18.01
CA ILE C 365 12.44 53.75 18.02
C ILE C 365 12.57 54.83 19.09
N GLU C 366 13.80 55.32 19.30
CA GLU C 366 14.04 56.42 20.24
C GLU C 366 13.21 57.64 19.87
N SER C 367 12.91 58.46 20.88
CA SER C 367 12.10 59.66 20.65
C SER C 367 12.91 60.85 20.15
N GLY C 368 12.19 61.84 19.60
CA GLY C 368 12.78 63.09 19.20
C GLY C 368 13.54 63.11 17.88
N ILE C 369 13.30 62.11 17.05
CA ILE C 369 13.91 62.07 15.73
C ILE C 369 12.87 62.38 14.66
N LEU C 370 11.79 61.61 14.67
CA LEU C 370 10.79 61.64 13.61
C LEU C 370 10.00 62.93 13.65
N PRO C 371 9.36 63.29 12.53
CA PRO C 371 8.39 64.39 12.55
C PRO C 371 7.19 64.03 13.42
N THR C 372 6.29 64.98 13.62
CA THR C 372 5.15 64.79 14.52
C THR C 372 3.97 64.17 13.78
N SER C 373 4.06 64.16 12.45
CA SER C 373 2.99 63.65 11.61
C SER C 373 3.54 62.78 10.46
N GLY C 374 2.72 61.86 9.96
CA GLY C 374 3.11 61.00 8.84
C GLY C 374 3.14 59.51 9.15
N ILE C 375 3.47 58.71 8.14
CA ILE C 375 3.61 57.26 8.33
C ILE C 375 4.63 56.97 9.42
N ASP C 376 5.81 57.58 9.31
CA ASP C 376 6.82 57.54 10.35
C ASP C 376 6.74 58.80 11.20
N SER C 377 6.17 58.70 12.40
CA SER C 377 6.03 59.88 13.24
C SER C 377 6.06 59.50 14.71
N GLY C 378 6.37 60.48 15.56
CA GLY C 378 6.50 60.22 16.97
C GLY C 378 7.70 59.33 17.24
N SER C 379 7.41 58.09 17.61
CA SER C 379 8.47 57.17 17.99
C SER C 379 8.22 55.84 17.27
N LEU C 380 7.46 55.90 16.19
CA LEU C 380 6.88 54.70 15.60
C LEU C 380 7.01 54.69 14.08
N LEU C 381 7.50 53.57 13.56
CA LEU C 381 7.49 53.30 12.12
C LEU C 381 6.40 52.28 11.83
N ARG C 382 5.32 52.72 11.20
CA ARG C 382 4.16 51.85 10.92
C ARG C 382 4.36 51.08 9.63
N ASN C 383 4.01 49.79 9.65
CA ASN C 383 4.14 48.87 8.51
C ASN C 383 5.32 49.20 7.62
N PRO C 384 6.52 49.28 8.21
CA PRO C 384 7.67 49.85 7.50
C PRO C 384 8.18 48.97 6.37
N LYS C 385 8.85 49.61 5.40
CA LYS C 385 9.52 48.91 4.33
C LYS C 385 10.85 48.34 4.81
N SER C 386 11.41 48.95 5.86
CA SER C 386 12.71 48.50 6.38
C SER C 386 12.55 47.27 7.27
N LEU C 387 11.97 46.22 6.69
CA LEU C 387 11.66 45.00 7.42
C LEU C 387 11.36 43.91 6.42
N SER C 388 12.00 42.77 6.57
CA SER C 388 11.58 41.61 5.83
C SER C 388 11.29 40.51 6.85
N PHE C 389 10.26 39.71 6.58
CA PHE C 389 9.90 38.62 7.47
C PHE C 389 9.49 37.39 6.68
N ILE C 390 9.72 36.24 7.30
CA ILE C 390 9.30 34.97 6.72
C ILE C 390 7.93 34.62 7.30
N ALA C 391 6.95 34.37 6.42
CA ALA C 391 5.63 33.92 6.84
C ALA C 391 5.54 32.41 6.74
N PHE C 392 5.21 31.75 7.85
CA PHE C 392 5.03 30.29 7.82
C PHE C 392 3.53 30.00 7.89
N GLN C 393 3.07 29.05 7.08
CA GLN C 393 1.69 28.64 7.12
C GLN C 393 1.63 27.13 7.18
N TRP C 394 0.64 26.62 7.91
CA TRP C 394 0.35 25.19 7.95
C TRP C 394 -1.06 24.99 8.47
N CYS C 395 -1.52 23.76 8.37
CA CYS C 395 -2.83 23.36 8.91
C CYS C 395 -2.67 22.36 10.05
N GLU C 396 -3.62 22.39 10.98
CA GLU C 396 -3.61 21.47 12.10
C GLU C 396 -5.03 21.31 12.65
N ASN C 397 -5.27 20.23 13.38
CA ASN C 397 -6.53 20.02 14.10
C ASN C 397 -6.39 20.20 15.60
#